data_5BUM
# 
_entry.id   5BUM 
# 
_audit_conform.dict_name       mmcif_pdbx.dic 
_audit_conform.dict_version    5.398 
_audit_conform.dict_location   http://mmcif.pdb.org/dictionaries/ascii/mmcif_pdbx.dic 
# 
loop_
_database_2.database_id 
_database_2.database_code 
_database_2.pdbx_database_accession 
_database_2.pdbx_DOI 
PDB   5BUM         pdb_00005bum 10.2210/pdb5bum/pdb 
WWPDB D_1000210571 ?            ?                   
# 
loop_
_pdbx_audit_revision_history.ordinal 
_pdbx_audit_revision_history.data_content_type 
_pdbx_audit_revision_history.major_revision 
_pdbx_audit_revision_history.minor_revision 
_pdbx_audit_revision_history.revision_date 
1 'Structure model' 1 0 2016-06-08 
2 'Structure model' 1 1 2020-02-19 
3 'Structure model' 1 2 2022-06-22 
4 'Structure model' 1 3 2023-11-08 
5 'Structure model' 1 4 2024-11-13 
# 
_pdbx_audit_revision_details.ordinal             1 
_pdbx_audit_revision_details.revision_ordinal    1 
_pdbx_audit_revision_details.data_content_type   'Structure model' 
_pdbx_audit_revision_details.provider            repository 
_pdbx_audit_revision_details.type                'Initial release' 
_pdbx_audit_revision_details.description         ? 
_pdbx_audit_revision_details.details             ? 
# 
loop_
_pdbx_audit_revision_group.ordinal 
_pdbx_audit_revision_group.revision_ordinal 
_pdbx_audit_revision_group.data_content_type 
_pdbx_audit_revision_group.group 
1 2 'Structure model' 'Data collection'        
2 2 'Structure model' 'Derived calculations'   
3 3 'Structure model' 'Database references'    
4 4 'Structure model' 'Data collection'        
5 4 'Structure model' 'Refinement description' 
6 5 'Structure model' 'Structure summary'      
# 
loop_
_pdbx_audit_revision_category.ordinal 
_pdbx_audit_revision_category.revision_ordinal 
_pdbx_audit_revision_category.data_content_type 
_pdbx_audit_revision_category.category 
1  2 'Structure model' diffrn_source                 
2  2 'Structure model' pdbx_struct_oper_list         
3  3 'Structure model' citation                      
4  3 'Structure model' citation_author               
5  3 'Structure model' database_2                    
6  4 'Structure model' chem_comp_atom                
7  4 'Structure model' chem_comp_bond                
8  4 'Structure model' pdbx_initial_refinement_model 
9  5 'Structure model' pdbx_entry_details            
10 5 'Structure model' pdbx_modification_feature     
# 
loop_
_pdbx_audit_revision_item.ordinal 
_pdbx_audit_revision_item.revision_ordinal 
_pdbx_audit_revision_item.data_content_type 
_pdbx_audit_revision_item.item 
1  2 'Structure model' '_diffrn_source.pdbx_synchrotron_site'      
2  2 'Structure model' '_pdbx_struct_oper_list.symmetry_operation' 
3  3 'Structure model' '_citation.country'                         
4  3 'Structure model' '_citation.journal_abbrev'                  
5  3 'Structure model' '_citation.journal_id_CSD'                  
6  3 'Structure model' '_citation.journal_id_ISSN'                 
7  3 'Structure model' '_citation.journal_volume'                  
8  3 'Structure model' '_citation.page_first'                      
9  3 'Structure model' '_citation.page_last'                       
10 3 'Structure model' '_citation.pdbx_database_id_DOI'            
11 3 'Structure model' '_citation.pdbx_database_id_PubMed'         
12 3 'Structure model' '_citation.title'                           
13 3 'Structure model' '_citation.year'                            
14 3 'Structure model' '_citation_author.name'                     
15 3 'Structure model' '_database_2.pdbx_DOI'                      
16 3 'Structure model' '_database_2.pdbx_database_accession'       
# 
_pdbx_database_status.status_code                     REL 
_pdbx_database_status.status_code_sf                  REL 
_pdbx_database_status.status_code_mr                  ? 
_pdbx_database_status.entry_id                        5BUM 
_pdbx_database_status.recvd_initial_deposition_date   2015-06-04 
_pdbx_database_status.SG_entry                        N 
_pdbx_database_status.deposit_site                    RCSB 
_pdbx_database_status.process_site                    PDBJ 
_pdbx_database_status.status_code_cs                  ? 
_pdbx_database_status.methods_development_category    ? 
_pdbx_database_status.pdb_format_compatible           Y 
_pdbx_database_status.status_code_nmr_data            ? 
# 
_pdbx_database_related.db_name        PDB 
_pdbx_database_related.details        'same protein domain derived from chitinase from a fern, Pteris ryukyuensis, which is same' 
_pdbx_database_related.db_id          4PXV 
_pdbx_database_related.content_type   unspecified 
# 
loop_
_audit_author.name 
_audit_author.pdbx_ordinal 
_audit_author.identifier_ORCID 
'Kitaoku, Y.'  1 ? 
'Numata, T.'   2 ? 
'Ohnuma, T.'   3 ? 
'Taira, T.'    4 ? 
'Fukamizo, T.' 5 ? 
# 
_citation.abstract                  ? 
_citation.abstract_id_CAS           ? 
_citation.book_id_ISBN              ? 
_citation.book_publisher            ? 
_citation.book_publisher_city       ? 
_citation.book_title                ? 
_citation.coordinate_linkage        ? 
_citation.country                   IE 
_citation.database_id_Medline       ? 
_citation.details                   ? 
_citation.id                        primary 
_citation.journal_abbrev            'Plant Sci.' 
_citation.journal_id_ASTM           ? 
_citation.journal_id_CSD            ? 
_citation.journal_id_ISSN           0168-9452 
_citation.journal_full              ? 
_citation.journal_issue             ? 
_citation.journal_volume            321 
_citation.language                  ? 
_citation.page_first                111310 
_citation.page_last                 111310 
_citation.title                     
'Structure, mechanism, and phylogeny of LysM-chitinase conjugates specifically found in fern plants.' 
_citation.year                      2022 
_citation.database_id_CSD           ? 
_citation.pdbx_database_id_DOI      10.1016/j.plantsci.2022.111310 
_citation.pdbx_database_id_PubMed   35696910 
_citation.unpublished_flag          ? 
# 
loop_
_citation_author.citation_id 
_citation_author.name 
_citation_author.ordinal 
_citation_author.identifier_ORCID 
primary 'Kitaoku, Y.'  1 ? 
primary 'Taira, T.'    2 ? 
primary 'Numata, T.'   3 ? 
primary 'Ohnuma, T.'   4 ? 
primary 'Fukamizo, T.' 5 ? 
# 
loop_
_entity.id 
_entity.type 
_entity.src_method 
_entity.pdbx_description 
_entity.formula_weight 
_entity.pdbx_number_of_molecules 
_entity.pdbx_ec 
_entity.pdbx_mutation 
_entity.pdbx_fragment 
_entity.details 
1 polymer     man 'Chitinase A' 5425.004 2  ? ? 'UNP RESIDUES 29-78' ? 
2 non-polymer syn 'SULFATE ION' 96.063   1  ? ? ?                    ? 
3 water       nat water         18.015   18 ? ? ?                    ? 
# 
_entity_poly.entity_id                      1 
_entity_poly.type                           'polypeptide(L)' 
_entity_poly.nstd_linkage                   no 
_entity_poly.nstd_monomer                   no 
_entity_poly.pdbx_seq_one_letter_code       ACTSYYTVKSGDICYNIAQTYGIDVATLQSYNPGLQCDNLQIGQQLCVAD 
_entity_poly.pdbx_seq_one_letter_code_can   ACTSYYTVKSGDICYNIAQTYGIDVATLQSYNPGLQCDNLQIGQQLCVAD 
_entity_poly.pdbx_strand_id                 A,B 
_entity_poly.pdbx_target_identifier         ? 
# 
loop_
_pdbx_entity_nonpoly.entity_id 
_pdbx_entity_nonpoly.name 
_pdbx_entity_nonpoly.comp_id 
2 'SULFATE ION' SO4 
3 water         HOH 
# 
loop_
_entity_poly_seq.entity_id 
_entity_poly_seq.num 
_entity_poly_seq.mon_id 
_entity_poly_seq.hetero 
1 1  ALA n 
1 2  CYS n 
1 3  THR n 
1 4  SER n 
1 5  TYR n 
1 6  TYR n 
1 7  THR n 
1 8  VAL n 
1 9  LYS n 
1 10 SER n 
1 11 GLY n 
1 12 ASP n 
1 13 ILE n 
1 14 CYS n 
1 15 TYR n 
1 16 ASN n 
1 17 ILE n 
1 18 ALA n 
1 19 GLN n 
1 20 THR n 
1 21 TYR n 
1 22 GLY n 
1 23 ILE n 
1 24 ASP n 
1 25 VAL n 
1 26 ALA n 
1 27 THR n 
1 28 LEU n 
1 29 GLN n 
1 30 SER n 
1 31 TYR n 
1 32 ASN n 
1 33 PRO n 
1 34 GLY n 
1 35 LEU n 
1 36 GLN n 
1 37 CYS n 
1 38 ASP n 
1 39 ASN n 
1 40 LEU n 
1 41 GLN n 
1 42 ILE n 
1 43 GLY n 
1 44 GLN n 
1 45 GLN n 
1 46 LEU n 
1 47 CYS n 
1 48 VAL n 
1 49 ALA n 
1 50 ASP n 
# 
_entity_src_gen.entity_id                          1 
_entity_src_gen.pdbx_src_id                        1 
_entity_src_gen.pdbx_alt_source_flag               sample 
_entity_src_gen.pdbx_seq_type                      'Biological sequence' 
_entity_src_gen.pdbx_beg_seq_num                   1 
_entity_src_gen.pdbx_end_seq_num                   51 
_entity_src_gen.gene_src_common_name               'Field horsetail' 
_entity_src_gen.gene_src_genus                     ? 
_entity_src_gen.pdbx_gene_src_gene                 eachiA 
_entity_src_gen.gene_src_species                   ? 
_entity_src_gen.gene_src_strain                    ? 
_entity_src_gen.gene_src_tissue                    ? 
_entity_src_gen.gene_src_tissue_fraction           ? 
_entity_src_gen.gene_src_details                   ? 
_entity_src_gen.pdbx_gene_src_fragment             ? 
_entity_src_gen.pdbx_gene_src_scientific_name      'Equisetum arvense' 
_entity_src_gen.pdbx_gene_src_ncbi_taxonomy_id     3258 
_entity_src_gen.pdbx_gene_src_variant              ? 
_entity_src_gen.pdbx_gene_src_cell_line            ? 
_entity_src_gen.pdbx_gene_src_atcc                 ? 
_entity_src_gen.pdbx_gene_src_organ                ? 
_entity_src_gen.pdbx_gene_src_organelle            ? 
_entity_src_gen.pdbx_gene_src_cell                 ? 
_entity_src_gen.pdbx_gene_src_cellular_location    ? 
_entity_src_gen.host_org_common_name               ? 
_entity_src_gen.pdbx_host_org_scientific_name      'Escherichia coli' 
_entity_src_gen.pdbx_host_org_ncbi_taxonomy_id     562 
_entity_src_gen.host_org_genus                     ? 
_entity_src_gen.pdbx_host_org_gene                 ? 
_entity_src_gen.pdbx_host_org_organ                ? 
_entity_src_gen.host_org_species                   ? 
_entity_src_gen.pdbx_host_org_tissue               ? 
_entity_src_gen.pdbx_host_org_tissue_fraction      ? 
_entity_src_gen.pdbx_host_org_strain               ? 
_entity_src_gen.pdbx_host_org_variant              ? 
_entity_src_gen.pdbx_host_org_cell_line            ? 
_entity_src_gen.pdbx_host_org_atcc                 ? 
_entity_src_gen.pdbx_host_org_culture_collection   ? 
_entity_src_gen.pdbx_host_org_cell                 ? 
_entity_src_gen.pdbx_host_org_organelle            ? 
_entity_src_gen.pdbx_host_org_cellular_location    ? 
_entity_src_gen.pdbx_host_org_vector_type          ? 
_entity_src_gen.pdbx_host_org_vector               ? 
_entity_src_gen.host_org_details                   ? 
_entity_src_gen.expression_system_id               ? 
_entity_src_gen.plasmid_name                       ? 
_entity_src_gen.plasmid_details                    ? 
_entity_src_gen.pdbx_description                   ? 
# 
loop_
_chem_comp.id 
_chem_comp.type 
_chem_comp.mon_nstd_flag 
_chem_comp.name 
_chem_comp.pdbx_synonyms 
_chem_comp.formula 
_chem_comp.formula_weight 
ALA 'L-peptide linking' y ALANINE         ? 'C3 H7 N O2'     89.093  
ASN 'L-peptide linking' y ASPARAGINE      ? 'C4 H8 N2 O3'    132.118 
ASP 'L-peptide linking' y 'ASPARTIC ACID' ? 'C4 H7 N O4'     133.103 
CYS 'L-peptide linking' y CYSTEINE        ? 'C3 H7 N O2 S'   121.158 
GLN 'L-peptide linking' y GLUTAMINE       ? 'C5 H10 N2 O3'   146.144 
GLY 'peptide linking'   y GLYCINE         ? 'C2 H5 N O2'     75.067  
HOH non-polymer         . WATER           ? 'H2 O'           18.015  
ILE 'L-peptide linking' y ISOLEUCINE      ? 'C6 H13 N O2'    131.173 
LEU 'L-peptide linking' y LEUCINE         ? 'C6 H13 N O2'    131.173 
LYS 'L-peptide linking' y LYSINE          ? 'C6 H15 N2 O2 1' 147.195 
PRO 'L-peptide linking' y PROLINE         ? 'C5 H9 N O2'     115.130 
SER 'L-peptide linking' y SERINE          ? 'C3 H7 N O3'     105.093 
SO4 non-polymer         . 'SULFATE ION'   ? 'O4 S -2'        96.063  
THR 'L-peptide linking' y THREONINE       ? 'C4 H9 N O3'     119.119 
TYR 'L-peptide linking' y TYROSINE        ? 'C9 H11 N O3'    181.189 
VAL 'L-peptide linking' y VALINE          ? 'C5 H11 N O2'    117.146 
# 
loop_
_pdbx_poly_seq_scheme.asym_id 
_pdbx_poly_seq_scheme.entity_id 
_pdbx_poly_seq_scheme.seq_id 
_pdbx_poly_seq_scheme.mon_id 
_pdbx_poly_seq_scheme.ndb_seq_num 
_pdbx_poly_seq_scheme.pdb_seq_num 
_pdbx_poly_seq_scheme.auth_seq_num 
_pdbx_poly_seq_scheme.pdb_mon_id 
_pdbx_poly_seq_scheme.auth_mon_id 
_pdbx_poly_seq_scheme.pdb_strand_id 
_pdbx_poly_seq_scheme.pdb_ins_code 
_pdbx_poly_seq_scheme.hetero 
A 1 1  ALA 1  1  ?  ?   ?   A . n 
A 1 2  CYS 2  2  2  CYS CYS A . n 
A 1 3  THR 3  3  3  THR ALA A . n 
A 1 4  SER 4  4  4  SER SER A . n 
A 1 5  TYR 5  5  5  TYR TYR A . n 
A 1 6  TYR 6  6  6  TYR TYR A . n 
A 1 7  THR 7  7  7  THR THR A . n 
A 1 8  VAL 8  8  8  VAL VAL A . n 
A 1 9  LYS 9  9  9  LYS LYS A . n 
A 1 10 SER 10 10 10 SER SER A . n 
A 1 11 GLY 11 11 11 GLY GLY A . n 
A 1 12 ASP 12 12 12 ASP ASP A . n 
A 1 13 ILE 13 13 13 ILE ILE A . n 
A 1 14 CYS 14 14 14 CYS CYS A . n 
A 1 15 TYR 15 15 15 TYR TYR A . n 
A 1 16 ASN 16 16 16 ASN ASN A . n 
A 1 17 ILE 17 17 17 ILE ILE A . n 
A 1 18 ALA 18 18 18 ALA ALA A . n 
A 1 19 GLN 19 19 19 GLN GLN A . n 
A 1 20 THR 20 20 20 THR THR A . n 
A 1 21 TYR 21 21 21 TYR TYR A . n 
A 1 22 GLY 22 22 22 GLY GLY A . n 
A 1 23 ILE 23 23 23 ILE ILE A . n 
A 1 24 ASP 24 24 24 ASP ASP A . n 
A 1 25 VAL 25 25 25 VAL VAL A . n 
A 1 26 ALA 26 26 26 ALA ALA A . n 
A 1 27 THR 27 27 27 THR THR A . n 
A 1 28 LEU 28 28 28 LEU LEU A . n 
A 1 29 GLN 29 29 29 GLN GLN A . n 
A 1 30 SER 30 30 30 SER SER A . n 
A 1 31 TYR 31 31 31 TYR TYR A . n 
A 1 32 ASN 32 32 32 ASN ASN A . n 
A 1 33 PRO 33 33 33 PRO PRO A . n 
A 1 34 GLY 34 34 34 GLY GLY A . n 
A 1 35 LEU 35 35 35 LEU LEU A . n 
A 1 36 GLN 36 36 36 GLN GLN A . n 
A 1 37 CYS 37 37 37 CYS CYS A . n 
A 1 38 ASP 38 38 38 ASP ASP A . n 
A 1 39 ASN 39 39 39 ASN ASN A . n 
A 1 40 LEU 40 40 40 LEU LEU A . n 
A 1 41 GLN 41 41 41 GLN GLN A . n 
A 1 42 ILE 42 42 42 ILE ILE A . n 
A 1 43 GLY 43 43 43 GLY GLY A . n 
A 1 44 GLN 44 44 44 GLN GLN A . n 
A 1 45 GLN 45 45 45 GLN GLN A . n 
A 1 46 LEU 46 46 46 LEU LEU A . n 
A 1 47 CYS 47 47 47 CYS CYS A . n 
A 1 48 VAL 48 48 48 VAL VAL A . n 
A 1 49 ALA 49 49 49 ALA ALA A . n 
A 1 50 ASP 50 50 50 ASP ASP A . n 
B 1 1  ALA 1  1  ?  ?   ?   B . n 
B 1 2  CYS 2  2  2  CYS CYS B . n 
B 1 3  THR 3  3  3  THR ALA B . n 
B 1 4  SER 4  4  4  SER SER B . n 
B 1 5  TYR 5  5  5  TYR TYR B . n 
B 1 6  TYR 6  6  6  TYR TYR B . n 
B 1 7  THR 7  7  7  THR THR B . n 
B 1 8  VAL 8  8  8  VAL VAL B . n 
B 1 9  LYS 9  9  9  LYS LYS B . n 
B 1 10 SER 10 10 10 SER SER B . n 
B 1 11 GLY 11 11 11 GLY GLY B . n 
B 1 12 ASP 12 12 12 ASP ASP B . n 
B 1 13 ILE 13 13 13 ILE ILE B . n 
B 1 14 CYS 14 14 14 CYS CYS B . n 
B 1 15 TYR 15 15 15 TYR ALA B . n 
B 1 16 ASN 16 16 16 ASN ASN B . n 
B 1 17 ILE 17 17 17 ILE ILE B . n 
B 1 18 ALA 18 18 18 ALA ALA B . n 
B 1 19 GLN 19 19 19 GLN GLN B . n 
B 1 20 THR 20 20 20 THR THR B . n 
B 1 21 TYR 21 21 21 TYR TYR B . n 
B 1 22 GLY 22 22 22 GLY GLY B . n 
B 1 23 ILE 23 23 23 ILE ILE B . n 
B 1 24 ASP 24 24 24 ASP ASP B . n 
B 1 25 VAL 25 25 25 VAL VAL B . n 
B 1 26 ALA 26 26 26 ALA ALA B . n 
B 1 27 THR 27 27 27 THR THR B . n 
B 1 28 LEU 28 28 28 LEU LEU B . n 
B 1 29 GLN 29 29 29 GLN GLN B . n 
B 1 30 SER 30 30 30 SER SER B . n 
B 1 31 TYR 31 31 31 TYR TYR B . n 
B 1 32 ASN 32 32 32 ASN ASN B . n 
B 1 33 PRO 33 33 33 PRO PRO B . n 
B 1 34 GLY 34 34 34 GLY GLY B . n 
B 1 35 LEU 35 35 35 LEU LEU B . n 
B 1 36 GLN 36 36 36 GLN ALA B . n 
B 1 37 CYS 37 37 37 CYS CYS B . n 
B 1 38 ASP 38 38 38 ASP ASP B . n 
B 1 39 ASN 39 39 39 ASN ASN B . n 
B 1 40 LEU 40 40 40 LEU LEU B . n 
B 1 41 GLN 41 41 41 GLN GLN B . n 
B 1 42 ILE 42 42 42 ILE ILE B . n 
B 1 43 GLY 43 43 43 GLY GLY B . n 
B 1 44 GLN 44 44 44 GLN GLN B . n 
B 1 45 GLN 45 45 45 GLN GLN B . n 
B 1 46 LEU 46 46 46 LEU LEU B . n 
B 1 47 CYS 47 47 47 CYS CYS B . n 
B 1 48 VAL 48 48 48 VAL VAL B . n 
B 1 49 ALA 49 49 49 ALA ALA B . n 
B 1 50 ASP 50 50 50 ASP ASP B . n 
# 
loop_
_pdbx_nonpoly_scheme.asym_id 
_pdbx_nonpoly_scheme.entity_id 
_pdbx_nonpoly_scheme.mon_id 
_pdbx_nonpoly_scheme.ndb_seq_num 
_pdbx_nonpoly_scheme.pdb_seq_num 
_pdbx_nonpoly_scheme.auth_seq_num 
_pdbx_nonpoly_scheme.pdb_mon_id 
_pdbx_nonpoly_scheme.auth_mon_id 
_pdbx_nonpoly_scheme.pdb_strand_id 
_pdbx_nonpoly_scheme.pdb_ins_code 
C 2 SO4 1  101 1  SO4 SO4 A . 
D 3 HOH 1  201 8  HOH HOH A . 
D 3 HOH 2  202 7  HOH HOH A . 
D 3 HOH 3  203 4  HOH HOH A . 
D 3 HOH 4  204 14 HOH HOH A . 
D 3 HOH 5  205 6  HOH HOH A . 
D 3 HOH 6  206 16 HOH HOH A . 
D 3 HOH 7  207 15 HOH HOH A . 
D 3 HOH 8  208 13 HOH HOH A . 
D 3 HOH 9  209 5  HOH HOH A . 
D 3 HOH 10 210 3  HOH HOH A . 
D 3 HOH 11 211 12 HOH HOH A . 
D 3 HOH 12 212 9  HOH HOH A . 
D 3 HOH 13 213 10 HOH HOH A . 
D 3 HOH 14 214 11 HOH HOH A . 
D 3 HOH 15 215 18 HOH HOH A . 
E 3 HOH 1  101 1  HOH HOH B . 
E 3 HOH 2  102 2  HOH HOH B . 
E 3 HOH 3  103 17 HOH HOH B . 
# 
loop_
_pdbx_unobs_or_zero_occ_atoms.id 
_pdbx_unobs_or_zero_occ_atoms.PDB_model_num 
_pdbx_unobs_or_zero_occ_atoms.polymer_flag 
_pdbx_unobs_or_zero_occ_atoms.occupancy_flag 
_pdbx_unobs_or_zero_occ_atoms.auth_asym_id 
_pdbx_unobs_or_zero_occ_atoms.auth_comp_id 
_pdbx_unobs_or_zero_occ_atoms.auth_seq_id 
_pdbx_unobs_or_zero_occ_atoms.PDB_ins_code 
_pdbx_unobs_or_zero_occ_atoms.auth_atom_id 
_pdbx_unobs_or_zero_occ_atoms.label_alt_id 
_pdbx_unobs_or_zero_occ_atoms.label_asym_id 
_pdbx_unobs_or_zero_occ_atoms.label_comp_id 
_pdbx_unobs_or_zero_occ_atoms.label_seq_id 
_pdbx_unobs_or_zero_occ_atoms.label_atom_id 
1  1 Y 1 A THR 3  ? OG1 ? A THR 3  OG1 
2  1 Y 1 A THR 3  ? CG2 ? A THR 3  CG2 
3  1 Y 1 B THR 3  ? OG1 ? B THR 3  OG1 
4  1 Y 1 B THR 3  ? CG2 ? B THR 3  CG2 
5  1 Y 1 B TYR 15 ? CG  ? B TYR 15 CG  
6  1 Y 1 B TYR 15 ? CD1 ? B TYR 15 CD1 
7  1 Y 1 B TYR 15 ? CD2 ? B TYR 15 CD2 
8  1 Y 1 B TYR 15 ? CE1 ? B TYR 15 CE1 
9  1 Y 1 B TYR 15 ? CE2 ? B TYR 15 CE2 
10 1 Y 1 B TYR 15 ? CZ  ? B TYR 15 CZ  
11 1 Y 1 B TYR 15 ? OH  ? B TYR 15 OH  
12 1 Y 1 B GLN 36 ? CG  ? B GLN 36 CG  
13 1 Y 1 B GLN 36 ? CD  ? B GLN 36 CD  
14 1 Y 1 B GLN 36 ? OE1 ? B GLN 36 OE1 
15 1 Y 1 B GLN 36 ? NE2 ? B GLN 36 NE2 
# 
loop_
_software.citation_id 
_software.classification 
_software.compiler_name 
_software.compiler_version 
_software.contact_author 
_software.contact_author_email 
_software.date 
_software.description 
_software.dependencies 
_software.hardware 
_software.language 
_software.location 
_software.mods 
_software.name 
_software.os 
_software.os_version 
_software.type 
_software.version 
_software.pdbx_ordinal 
? refinement       ? ? ? ? ? ? ? ? ? ? ? REFMAC   ? ? ? 5.8.0049 1 
? 'data scaling'   ? ? ? ? ? ? ? ? ? ? ? HKL-2000 ? ? ? .        2 
? phasing          ? ? ? ? ? ? ? ? ? ? ? PHASER   ? ? ? .        3 
? 'model building' ? ? ? ? ? ? ? ? ? ? ? Coot     ? ? ? .        4 
# 
_cell.angle_alpha                  90.00 
_cell.angle_alpha_esd              ? 
_cell.angle_beta                   90.00 
_cell.angle_beta_esd               ? 
_cell.angle_gamma                  120.00 
_cell.angle_gamma_esd              ? 
_cell.entry_id                     5BUM 
_cell.details                      ? 
_cell.formula_units_Z              ? 
_cell.length_a                     83.219 
_cell.length_a_esd                 ? 
_cell.length_b                     83.219 
_cell.length_b_esd                 ? 
_cell.length_c                     43.689 
_cell.length_c_esd                 ? 
_cell.volume                       ? 
_cell.volume_esd                   ? 
_cell.Z_PDB                        12 
_cell.reciprocal_angle_alpha       ? 
_cell.reciprocal_angle_beta        ? 
_cell.reciprocal_angle_gamma       ? 
_cell.reciprocal_angle_alpha_esd   ? 
_cell.reciprocal_angle_beta_esd    ? 
_cell.reciprocal_angle_gamma_esd   ? 
_cell.reciprocal_length_a          ? 
_cell.reciprocal_length_b          ? 
_cell.reciprocal_length_c          ? 
_cell.reciprocal_length_a_esd      ? 
_cell.reciprocal_length_b_esd      ? 
_cell.reciprocal_length_c_esd      ? 
_cell.pdbx_unique_axis             ? 
# 
_symmetry.entry_id                         5BUM 
_symmetry.cell_setting                     ? 
_symmetry.Int_Tables_number                152 
_symmetry.space_group_name_Hall            ? 
_symmetry.space_group_name_H-M             'P 31 2 1' 
_symmetry.pdbx_full_space_group_name_H-M   ? 
# 
_exptl.absorpt_coefficient_mu     ? 
_exptl.absorpt_correction_T_max   ? 
_exptl.absorpt_correction_T_min   ? 
_exptl.absorpt_correction_type    ? 
_exptl.absorpt_process_details    ? 
_exptl.entry_id                   5BUM 
_exptl.crystals_number            ? 
_exptl.details                    ? 
_exptl.method                     'X-RAY DIFFRACTION' 
_exptl.method_details             ? 
# 
_exptl_crystal.colour                      ? 
_exptl_crystal.density_diffrn              ? 
_exptl_crystal.density_Matthews            4.17 
_exptl_crystal.density_method              ? 
_exptl_crystal.density_percent_sol         70.49 
_exptl_crystal.description                 ? 
_exptl_crystal.F_000                       ? 
_exptl_crystal.id                          1 
_exptl_crystal.preparation                 ? 
_exptl_crystal.size_max                    ? 
_exptl_crystal.size_mid                    ? 
_exptl_crystal.size_min                    ? 
_exptl_crystal.size_rad                    ? 
_exptl_crystal.colour_lustre               ? 
_exptl_crystal.colour_modifier             ? 
_exptl_crystal.colour_primary              ? 
_exptl_crystal.density_meas                ? 
_exptl_crystal.density_meas_esd            ? 
_exptl_crystal.density_meas_gt             ? 
_exptl_crystal.density_meas_lt             ? 
_exptl_crystal.density_meas_temp           ? 
_exptl_crystal.density_meas_temp_esd       ? 
_exptl_crystal.density_meas_temp_gt        ? 
_exptl_crystal.density_meas_temp_lt        ? 
_exptl_crystal.pdbx_crystal_image_url      ? 
_exptl_crystal.pdbx_crystal_image_format   ? 
_exptl_crystal.pdbx_mosaicity              ? 
_exptl_crystal.pdbx_mosaicity_esd          ? 
# 
_exptl_crystal_grow.apparatus       ? 
_exptl_crystal_grow.atmosphere      ? 
_exptl_crystal_grow.crystal_id      1 
_exptl_crystal_grow.details         ? 
_exptl_crystal_grow.method          'VAPOR DIFFUSION, SITTING DROP' 
_exptl_crystal_grow.method_ref      ? 
_exptl_crystal_grow.pH              ? 
_exptl_crystal_grow.pressure        ? 
_exptl_crystal_grow.pressure_esd    ? 
_exptl_crystal_grow.seeding         ? 
_exptl_crystal_grow.seeding_ref     ? 
_exptl_crystal_grow.temp            293 
_exptl_crystal_grow.temp_details    ? 
_exptl_crystal_grow.temp_esd        ? 
_exptl_crystal_grow.time            ? 
_exptl_crystal_grow.pdbx_details    'HEPES, Lithium sulfate' 
_exptl_crystal_grow.pdbx_pH_range   ? 
# 
_diffrn.ambient_environment    ? 
_diffrn.ambient_temp           95 
_diffrn.ambient_temp_details   ? 
_diffrn.ambient_temp_esd       ? 
_diffrn.crystal_id             1 
_diffrn.crystal_support        ? 
_diffrn.crystal_treatment      ? 
_diffrn.details                ? 
_diffrn.id                     1 
_diffrn.ambient_pressure       ? 
_diffrn.ambient_pressure_esd   ? 
_diffrn.ambient_pressure_gt    ? 
_diffrn.ambient_pressure_lt    ? 
_diffrn.ambient_temp_gt        ? 
_diffrn.ambient_temp_lt        ? 
# 
_diffrn_detector.details                      ? 
_diffrn_detector.detector                     CCD 
_diffrn_detector.diffrn_id                    1 
_diffrn_detector.type                         'ADSC QUANTUM 270' 
_diffrn_detector.area_resol_mean              ? 
_diffrn_detector.dtime                        ? 
_diffrn_detector.pdbx_frames_total            ? 
_diffrn_detector.pdbx_collection_time_total   ? 
_diffrn_detector.pdbx_collection_date         2014-05-17 
# 
_diffrn_radiation.collimation                      ? 
_diffrn_radiation.diffrn_id                        1 
_diffrn_radiation.filter_edge                      ? 
_diffrn_radiation.inhomogeneity                    ? 
_diffrn_radiation.monochromator                    ? 
_diffrn_radiation.polarisn_norm                    ? 
_diffrn_radiation.polarisn_ratio                   ? 
_diffrn_radiation.probe                            ? 
_diffrn_radiation.type                             ? 
_diffrn_radiation.xray_symbol                      ? 
_diffrn_radiation.wavelength_id                    1 
_diffrn_radiation.pdbx_monochromatic_or_laue_m_l   M 
_diffrn_radiation.pdbx_wavelength_list             ? 
_diffrn_radiation.pdbx_wavelength                  ? 
_diffrn_radiation.pdbx_diffrn_protocol             'SINGLE WAVELENGTH' 
_diffrn_radiation.pdbx_analyzer                    ? 
_diffrn_radiation.pdbx_scattering_type             x-ray 
# 
_diffrn_radiation_wavelength.id           1 
_diffrn_radiation_wavelength.wavelength   0.98 
_diffrn_radiation_wavelength.wt           1.0 
# 
_diffrn_source.current                     ? 
_diffrn_source.details                     ? 
_diffrn_source.diffrn_id                   1 
_diffrn_source.power                       ? 
_diffrn_source.size                        ? 
_diffrn_source.source                      SYNCHROTRON 
_diffrn_source.target                      ? 
_diffrn_source.type                        'PHOTON FACTORY BEAMLINE BL-17A' 
_diffrn_source.voltage                     ? 
_diffrn_source.take-off_angle              ? 
_diffrn_source.pdbx_wavelength_list        0.98 
_diffrn_source.pdbx_wavelength             ? 
_diffrn_source.pdbx_synchrotron_beamline   BL-17A 
_diffrn_source.pdbx_synchrotron_site       'Photon Factory' 
# 
_reflns.B_iso_Wilson_estimate            ? 
_reflns.entry_id                         5BUM 
_reflns.data_reduction_details           ? 
_reflns.data_reduction_method            ? 
_reflns.d_resolution_high                2.50 
_reflns.d_resolution_low                 50 
_reflns.details                          ? 
_reflns.limit_h_max                      ? 
_reflns.limit_h_min                      ? 
_reflns.limit_k_max                      ? 
_reflns.limit_k_min                      ? 
_reflns.limit_l_max                      ? 
_reflns.limit_l_min                      ? 
_reflns.number_all                       ? 
_reflns.number_obs                       6256 
_reflns.observed_criterion               ? 
_reflns.observed_criterion_F_max         ? 
_reflns.observed_criterion_F_min         ? 
_reflns.observed_criterion_I_max         ? 
_reflns.observed_criterion_I_min         ? 
_reflns.observed_criterion_sigma_F       ? 
_reflns.observed_criterion_sigma_I       ? 
_reflns.percent_possible_obs             99.9 
_reflns.R_free_details                   ? 
_reflns.Rmerge_F_all                     ? 
_reflns.Rmerge_F_obs                     ? 
_reflns.Friedel_coverage                 ? 
_reflns.number_gt                        ? 
_reflns.threshold_expression             ? 
_reflns.pdbx_redundancy                  15.0 
_reflns.pdbx_Rmerge_I_obs                ? 
_reflns.pdbx_Rmerge_I_all                ? 
_reflns.pdbx_Rsym_value                  ? 
_reflns.pdbx_netI_over_av_sigmaI         ? 
_reflns.pdbx_netI_over_sigmaI            62.1 
_reflns.pdbx_res_netI_over_av_sigmaI_2   ? 
_reflns.pdbx_res_netI_over_sigmaI_2      ? 
_reflns.pdbx_chi_squared                 ? 
_reflns.pdbx_scaling_rejects             ? 
_reflns.pdbx_d_res_high_opt              ? 
_reflns.pdbx_d_res_low_opt               ? 
_reflns.pdbx_d_res_opt_method            ? 
_reflns.phase_calculation_details        ? 
_reflns.pdbx_Rrim_I_all                  ? 
_reflns.pdbx_Rpim_I_all                  ? 
_reflns.pdbx_d_opt                       ? 
_reflns.pdbx_number_measured_all         ? 
_reflns.pdbx_diffrn_id                   1 
_reflns.pdbx_ordinal                     1 
_reflns.pdbx_CC_half                     ? 
_reflns.pdbx_R_split                     ? 
# 
_reflns_shell.d_res_high                  2.50 
_reflns_shell.d_res_low                   2.54 
_reflns_shell.meanI_over_sigI_all         ? 
_reflns_shell.meanI_over_sigI_obs         20.7 
_reflns_shell.number_measured_all         ? 
_reflns_shell.number_measured_obs         ? 
_reflns_shell.number_possible             ? 
_reflns_shell.number_unique_all           ? 
_reflns_shell.number_unique_obs           ? 
_reflns_shell.percent_possible_all        100 
_reflns_shell.percent_possible_obs        ? 
_reflns_shell.Rmerge_F_all                ? 
_reflns_shell.Rmerge_F_obs                ? 
_reflns_shell.Rmerge_I_all                ? 
_reflns_shell.Rmerge_I_obs                0.073 
_reflns_shell.meanI_over_sigI_gt          ? 
_reflns_shell.meanI_over_uI_all           ? 
_reflns_shell.meanI_over_uI_gt            ? 
_reflns_shell.number_measured_gt          ? 
_reflns_shell.number_unique_gt            ? 
_reflns_shell.percent_possible_gt         ? 
_reflns_shell.Rmerge_F_gt                 ? 
_reflns_shell.Rmerge_I_gt                 ? 
_reflns_shell.pdbx_redundancy             15.2 
_reflns_shell.pdbx_Rsym_value             ? 
_reflns_shell.pdbx_chi_squared            ? 
_reflns_shell.pdbx_netI_over_sigmaI_all   ? 
_reflns_shell.pdbx_netI_over_sigmaI_obs   ? 
_reflns_shell.pdbx_Rrim_I_all             ? 
_reflns_shell.pdbx_Rpim_I_all             ? 
_reflns_shell.pdbx_rejects                ? 
_reflns_shell.pdbx_ordinal                1 
_reflns_shell.pdbx_diffrn_id              1 
_reflns_shell.pdbx_CC_half                ? 
_reflns_shell.pdbx_R_split                ? 
# 
_refine.aniso_B[1][1]                            0.06 
_refine.aniso_B[1][2]                            0.03 
_refine.aniso_B[1][3]                            -0.00 
_refine.aniso_B[2][2]                            0.06 
_refine.aniso_B[2][3]                            -0.00 
_refine.aniso_B[3][3]                            -0.20 
_refine.B_iso_max                                ? 
_refine.B_iso_mean                               44.798 
_refine.B_iso_min                                ? 
_refine.correlation_coeff_Fo_to_Fc               0.932 
_refine.correlation_coeff_Fo_to_Fc_free          0.904 
_refine.details                                  'HYDROGENS HAVE BEEN ADDED IN THE RIDING POSITIONS' 
_refine.diff_density_max                         ? 
_refine.diff_density_max_esd                     ? 
_refine.diff_density_min                         ? 
_refine.diff_density_min_esd                     ? 
_refine.diff_density_rms                         ? 
_refine.diff_density_rms_esd                     ? 
_refine.entry_id                                 5BUM 
_refine.pdbx_refine_id                           'X-RAY DIFFRACTION' 
_refine.ls_abs_structure_details                 ? 
_refine.ls_abs_structure_Flack                   ? 
_refine.ls_abs_structure_Flack_esd               ? 
_refine.ls_abs_structure_Rogers                  ? 
_refine.ls_abs_structure_Rogers_esd              ? 
_refine.ls_d_res_high                            2.50 
_refine.ls_d_res_low                             41.61 
_refine.ls_extinction_coef                       ? 
_refine.ls_extinction_coef_esd                   ? 
_refine.ls_extinction_expression                 ? 
_refine.ls_extinction_method                     ? 
_refine.ls_goodness_of_fit_all                   ? 
_refine.ls_goodness_of_fit_all_esd               ? 
_refine.ls_goodness_of_fit_obs                   ? 
_refine.ls_goodness_of_fit_obs_esd               ? 
_refine.ls_hydrogen_treatment                    ? 
_refine.ls_matrix_type                           ? 
_refine.ls_number_constraints                    ? 
_refine.ls_number_parameters                     ? 
_refine.ls_number_reflns_all                     ? 
_refine.ls_number_reflns_obs                     5951 
_refine.ls_number_reflns_R_free                  293 
_refine.ls_number_reflns_R_work                  ? 
_refine.ls_number_restraints                     ? 
_refine.ls_percent_reflns_obs                    99.92 
_refine.ls_percent_reflns_R_free                 4.7 
_refine.ls_R_factor_all                          ? 
_refine.ls_R_factor_obs                          0.21883 
_refine.ls_R_factor_R_free                       0.28319 
_refine.ls_R_factor_R_free_error                 ? 
_refine.ls_R_factor_R_free_error_details         ? 
_refine.ls_R_factor_R_work                       0.21577 
_refine.ls_R_Fsqd_factor_obs                     ? 
_refine.ls_R_I_factor_obs                        ? 
_refine.ls_redundancy_reflns_all                 ? 
_refine.ls_redundancy_reflns_obs                 ? 
_refine.ls_restrained_S_all                      ? 
_refine.ls_restrained_S_obs                      ? 
_refine.ls_shift_over_esd_max                    ? 
_refine.ls_shift_over_esd_mean                   ? 
_refine.ls_structure_factor_coef                 ? 
_refine.ls_weighting_details                     ? 
_refine.ls_weighting_scheme                      ? 
_refine.ls_wR_factor_all                         ? 
_refine.ls_wR_factor_obs                         ? 
_refine.ls_wR_factor_R_free                      ? 
_refine.ls_wR_factor_R_work                      ? 
_refine.occupancy_max                            ? 
_refine.occupancy_min                            ? 
_refine.solvent_model_details                    MASK 
_refine.solvent_model_param_bsol                 ? 
_refine.solvent_model_param_ksol                 ? 
_refine.ls_R_factor_gt                           ? 
_refine.ls_goodness_of_fit_gt                    ? 
_refine.ls_goodness_of_fit_ref                   ? 
_refine.ls_shift_over_su_max                     ? 
_refine.ls_shift_over_su_max_lt                  ? 
_refine.ls_shift_over_su_mean                    ? 
_refine.ls_shift_over_su_mean_lt                 ? 
_refine.pdbx_ls_sigma_I                          ? 
_refine.pdbx_ls_sigma_F                          ? 
_refine.pdbx_ls_sigma_Fsqd                       ? 
_refine.pdbx_data_cutoff_high_absF               ? 
_refine.pdbx_data_cutoff_high_rms_absF           ? 
_refine.pdbx_data_cutoff_low_absF                ? 
_refine.pdbx_isotropic_thermal_model             ? 
_refine.pdbx_ls_cross_valid_method               THROUGHOUT 
_refine.pdbx_method_to_determine_struct          'MOLECULAR REPLACEMENT' 
_refine.pdbx_starting_model                      4PXV 
_refine.pdbx_stereochemistry_target_values       'MAXIMUM LIKELIHOOD' 
_refine.pdbx_R_Free_selection_details            RANDOM 
_refine.pdbx_stereochem_target_val_spec_case     ? 
_refine.pdbx_overall_ESU_R                       0.277 
_refine.pdbx_overall_ESU_R_Free                  0.256 
_refine.pdbx_solvent_vdw_probe_radii             1.20 
_refine.pdbx_solvent_ion_probe_radii             0.80 
_refine.pdbx_solvent_shrinkage_radii             0.80 
_refine.pdbx_real_space_R                        ? 
_refine.pdbx_density_correlation                 ? 
_refine.pdbx_pd_number_of_powder_patterns        ? 
_refine.pdbx_pd_number_of_points                 ? 
_refine.pdbx_pd_meas_number_of_points            ? 
_refine.pdbx_pd_proc_ls_prof_R_factor            ? 
_refine.pdbx_pd_proc_ls_prof_wR_factor           ? 
_refine.pdbx_pd_Marquardt_correlation_coeff      ? 
_refine.pdbx_pd_Fsqrd_R_factor                   ? 
_refine.pdbx_pd_ls_matrix_band_width             ? 
_refine.pdbx_overall_phase_error                 ? 
_refine.pdbx_overall_SU_R_free_Cruickshank_DPI   ? 
_refine.pdbx_overall_SU_R_free_Blow_DPI          ? 
_refine.pdbx_overall_SU_R_Blow_DPI               ? 
_refine.pdbx_TLS_residual_ADP_flag               ? 
_refine.pdbx_diffrn_id                           1 
_refine.overall_SU_B                             9.603 
_refine.overall_SU_ML                            0.209 
_refine.overall_SU_R_Cruickshank_DPI             ? 
_refine.overall_SU_R_free                        ? 
_refine.overall_FOM_free_R_set                   ? 
_refine.overall_FOM_work_R_set                   ? 
_refine.pdbx_average_fsc_overall                 ? 
_refine.pdbx_average_fsc_work                    ? 
_refine.pdbx_average_fsc_free                    ? 
# 
_refine_hist.pdbx_refine_id                   'X-RAY DIFFRACTION' 
_refine_hist.cycle_id                         LAST 
_refine_hist.pdbx_number_atoms_protein        729 
_refine_hist.pdbx_number_atoms_nucleic_acid   0 
_refine_hist.pdbx_number_atoms_ligand         5 
_refine_hist.number_atoms_solvent             18 
_refine_hist.number_atoms_total               752 
_refine_hist.d_res_high                       2.50 
_refine_hist.d_res_low                        41.61 
# 
loop_
_refine_ls_restr.pdbx_refine_id 
_refine_ls_restr.criterion 
_refine_ls_restr.dev_ideal 
_refine_ls_restr.dev_ideal_target 
_refine_ls_restr.number 
_refine_ls_restr.rejects 
_refine_ls_restr.type 
_refine_ls_restr.weight 
_refine_ls_restr.pdbx_restraint_function 
'X-RAY DIFFRACTION' ? 0.015  0.020  746  ? r_bond_refined_d             ? ? 
'X-RAY DIFFRACTION' ? 0.001  0.020  668  ? r_bond_other_d               ? ? 
'X-RAY DIFFRACTION' ? 1.767  1.957  1020 ? r_angle_refined_deg          ? ? 
'X-RAY DIFFRACTION' ? 0.920  3.000  1534 ? r_angle_other_deg            ? ? 
'X-RAY DIFFRACTION' ? 6.931  5.000  96   ? r_dihedral_angle_1_deg       ? ? 
'X-RAY DIFFRACTION' ? 40.154 27.353 34   ? r_dihedral_angle_2_deg       ? ? 
'X-RAY DIFFRACTION' ? 17.019 15.000 111  ? r_dihedral_angle_3_deg       ? ? 
'X-RAY DIFFRACTION' ? ?      ?      ?    ? r_dihedral_angle_4_deg       ? ? 
'X-RAY DIFFRACTION' ? 0.097  0.200  119  ? r_chiral_restr               ? ? 
'X-RAY DIFFRACTION' ? 0.006  0.020  880  ? r_gen_planes_refined         ? ? 
'X-RAY DIFFRACTION' ? 0.001  0.020  164  ? r_gen_planes_other           ? ? 
'X-RAY DIFFRACTION' ? ?      ?      ?    ? r_nbd_refined                ? ? 
'X-RAY DIFFRACTION' ? ?      ?      ?    ? r_nbd_other                  ? ? 
'X-RAY DIFFRACTION' ? ?      ?      ?    ? r_nbtor_refined              ? ? 
'X-RAY DIFFRACTION' ? ?      ?      ?    ? r_nbtor_other                ? ? 
'X-RAY DIFFRACTION' ? ?      ?      ?    ? r_xyhbond_nbd_refined        ? ? 
'X-RAY DIFFRACTION' ? ?      ?      ?    ? r_xyhbond_nbd_other          ? ? 
'X-RAY DIFFRACTION' ? ?      ?      ?    ? r_metal_ion_refined          ? ? 
'X-RAY DIFFRACTION' ? ?      ?      ?    ? r_metal_ion_other            ? ? 
'X-RAY DIFFRACTION' ? ?      ?      ?    ? r_symmetry_vdw_refined       ? ? 
'X-RAY DIFFRACTION' ? ?      ?      ?    ? r_symmetry_vdw_other         ? ? 
'X-RAY DIFFRACTION' ? ?      ?      ?    ? r_symmetry_hbond_refined     ? ? 
'X-RAY DIFFRACTION' ? ?      ?      ?    ? r_symmetry_hbond_other       ? ? 
'X-RAY DIFFRACTION' ? ?      ?      ?    ? r_symmetry_metal_ion_refined ? ? 
'X-RAY DIFFRACTION' ? ?      ?      ?    ? r_symmetry_metal_ion_other   ? ? 
'X-RAY DIFFRACTION' ? 3.814  4.498  390  ? r_mcbond_it                  ? ? 
'X-RAY DIFFRACTION' ? 3.819  4.490  389  ? r_mcbond_other               ? ? 
'X-RAY DIFFRACTION' ? 5.870  6.714  484  ? r_mcangle_it                 ? ? 
'X-RAY DIFFRACTION' ? 5.864  6.724  485  ? r_mcangle_other              ? ? 
'X-RAY DIFFRACTION' ? 4.408  4.638  356  ? r_scbond_it                  ? ? 
'X-RAY DIFFRACTION' ? 4.025  4.539  350  ? r_scbond_other               ? ? 
'X-RAY DIFFRACTION' ? ?      ?      ?    ? r_scangle_it                 ? ? 
'X-RAY DIFFRACTION' ? 6.473  6.762  530  ? r_scangle_other              ? ? 
'X-RAY DIFFRACTION' ? 10.110 34.805 814  ? r_long_range_B_refined       ? ? 
'X-RAY DIFFRACTION' ? 10.110 34.808 812  ? r_long_range_B_other         ? ? 
'X-RAY DIFFRACTION' ? ?      ?      ?    ? r_rigid_bond_restr           ? ? 
'X-RAY DIFFRACTION' ? ?      ?      ?    ? r_sphericity_free            ? ? 
'X-RAY DIFFRACTION' ? ?      ?      ?    ? r_sphericity_bonded          ? ? 
# 
_refine_ls_shell.pdbx_refine_id                   'X-RAY DIFFRACTION' 
_refine_ls_shell.d_res_high                       2.502 
_refine_ls_shell.d_res_low                        2.567 
_refine_ls_shell.number_reflns_all                ? 
_refine_ls_shell.number_reflns_obs                ? 
_refine_ls_shell.number_reflns_R_free             27 
_refine_ls_shell.number_reflns_R_work             428 
_refine_ls_shell.percent_reflns_obs               100.00 
_refine_ls_shell.percent_reflns_R_free            ? 
_refine_ls_shell.R_factor_all                     ? 
_refine_ls_shell.R_factor_obs                     ? 
_refine_ls_shell.R_factor_R_free                  0.351 
_refine_ls_shell.R_factor_R_free_error            ? 
_refine_ls_shell.R_factor_R_work                  0.265 
_refine_ls_shell.redundancy_reflns_all            ? 
_refine_ls_shell.redundancy_reflns_obs            ? 
_refine_ls_shell.wR_factor_all                    ? 
_refine_ls_shell.wR_factor_obs                    ? 
_refine_ls_shell.wR_factor_R_free                 ? 
_refine_ls_shell.wR_factor_R_work                 ? 
_refine_ls_shell.pdbx_total_number_of_bins_used   20 
_refine_ls_shell.pdbx_phase_error                 ? 
_refine_ls_shell.pdbx_fsc_work                    ? 
_refine_ls_shell.pdbx_fsc_free                    ? 
# 
_struct.entry_id                     5BUM 
_struct.title                        'Crystal Structure of LysM domain from Equisetum arvense chitinase A' 
_struct.pdbx_model_details           ? 
_struct.pdbx_formula_weight          ? 
_struct.pdbx_formula_weight_method   ? 
_struct.pdbx_model_type_details      ? 
_struct.pdbx_CASP_flag               ? 
# 
_struct_keywords.entry_id        5BUM 
_struct_keywords.text            'LysM domain, carbohydrate-binding module, Chitinase, carbohydrate, SUGAR BINDING PROTEIN' 
_struct_keywords.pdbx_keywords   'SUGAR BINDING PROTEIN' 
# 
loop_
_struct_asym.id 
_struct_asym.pdbx_blank_PDB_chainid_flag 
_struct_asym.pdbx_modified 
_struct_asym.entity_id 
_struct_asym.details 
A N N 1 ? 
B N N 1 ? 
C N N 2 ? 
D N N 3 ? 
E N N 3 ? 
# 
_struct_ref.id                         1 
_struct_ref.db_name                    UNP 
_struct_ref.db_code                    C7G3I3_EQUAR 
_struct_ref.pdbx_db_accession          C7G3I3 
_struct_ref.pdbx_db_isoform            ? 
_struct_ref.entity_id                  1 
_struct_ref.pdbx_seq_one_letter_code   ACTSYYTVKSGDICYNIAQTYGIDVATLQSYNPGLQCDNLQIGQQLCVAD 
_struct_ref.pdbx_align_begin           29 
# 
loop_
_struct_ref_seq.align_id 
_struct_ref_seq.ref_id 
_struct_ref_seq.pdbx_PDB_id_code 
_struct_ref_seq.pdbx_strand_id 
_struct_ref_seq.seq_align_beg 
_struct_ref_seq.pdbx_seq_align_beg_ins_code 
_struct_ref_seq.seq_align_end 
_struct_ref_seq.pdbx_seq_align_end_ins_code 
_struct_ref_seq.pdbx_db_accession 
_struct_ref_seq.db_align_beg 
_struct_ref_seq.pdbx_db_align_beg_ins_code 
_struct_ref_seq.db_align_end 
_struct_ref_seq.pdbx_db_align_end_ins_code 
_struct_ref_seq.pdbx_auth_seq_align_beg 
_struct_ref_seq.pdbx_auth_seq_align_end 
1 1 5BUM A 1 ? 50 ? C7G3I3 29 ? 78 ? 1 50 
2 1 5BUM B 1 ? 50 ? C7G3I3 29 ? 78 ? 1 50 
# 
_pdbx_struct_assembly.id                   1 
_pdbx_struct_assembly.details              author_defined_assembly 
_pdbx_struct_assembly.method_details       ? 
_pdbx_struct_assembly.oligomeric_details   dimeric 
_pdbx_struct_assembly.oligomeric_count     2 
# 
_pdbx_struct_assembly_gen.assembly_id       1 
_pdbx_struct_assembly_gen.oper_expression   1 
_pdbx_struct_assembly_gen.asym_id_list      A,B,C,D,E 
# 
_pdbx_struct_oper_list.id                   1 
_pdbx_struct_oper_list.type                 'identity operation' 
_pdbx_struct_oper_list.name                 1_555 
_pdbx_struct_oper_list.symmetry_operation   x,y,z 
_pdbx_struct_oper_list.matrix[1][1]         1.0000000000 
_pdbx_struct_oper_list.matrix[1][2]         0.0000000000 
_pdbx_struct_oper_list.matrix[1][3]         0.0000000000 
_pdbx_struct_oper_list.vector[1]            0.0000000000 
_pdbx_struct_oper_list.matrix[2][1]         0.0000000000 
_pdbx_struct_oper_list.matrix[2][2]         1.0000000000 
_pdbx_struct_oper_list.matrix[2][3]         0.0000000000 
_pdbx_struct_oper_list.vector[2]            0.0000000000 
_pdbx_struct_oper_list.matrix[3][1]         0.0000000000 
_pdbx_struct_oper_list.matrix[3][2]         0.0000000000 
_pdbx_struct_oper_list.matrix[3][3]         1.0000000000 
_pdbx_struct_oper_list.vector[3]            0.0000000000 
# 
loop_
_struct_conf.conf_type_id 
_struct_conf.id 
_struct_conf.pdbx_PDB_helix_id 
_struct_conf.beg_label_comp_id 
_struct_conf.beg_label_asym_id 
_struct_conf.beg_label_seq_id 
_struct_conf.pdbx_beg_PDB_ins_code 
_struct_conf.end_label_comp_id 
_struct_conf.end_label_asym_id 
_struct_conf.end_label_seq_id 
_struct_conf.pdbx_end_PDB_ins_code 
_struct_conf.beg_auth_comp_id 
_struct_conf.beg_auth_asym_id 
_struct_conf.beg_auth_seq_id 
_struct_conf.end_auth_comp_id 
_struct_conf.end_auth_asym_id 
_struct_conf.end_auth_seq_id 
_struct_conf.pdbx_PDB_helix_class 
_struct_conf.details 
_struct_conf.pdbx_PDB_helix_length 
HELX_P HELX_P1 AA1 ILE A 13 ? TYR A 21 ? ILE A 13 TYR A 21 1 ? 9 
HELX_P HELX_P2 AA2 ASP A 24 ? TYR A 31 ? ASP A 24 TYR A 31 1 ? 8 
HELX_P HELX_P3 AA3 GLN A 36 ? LEU A 40 ? GLN A 36 LEU A 40 5 ? 5 
HELX_P HELX_P4 AA4 ILE B 13 ? TYR B 21 ? ILE B 13 TYR B 21 1 ? 9 
HELX_P HELX_P5 AA5 ASP B 24 ? ASN B 32 ? ASP B 24 ASN B 32 1 ? 9 
# 
_struct_conf_type.id          HELX_P 
_struct_conf_type.criteria    ? 
_struct_conf_type.reference   ? 
# 
loop_
_struct_conn.id 
_struct_conn.conn_type_id 
_struct_conn.pdbx_leaving_atom_flag 
_struct_conn.pdbx_PDB_id 
_struct_conn.ptnr1_label_asym_id 
_struct_conn.ptnr1_label_comp_id 
_struct_conn.ptnr1_label_seq_id 
_struct_conn.ptnr1_label_atom_id 
_struct_conn.pdbx_ptnr1_label_alt_id 
_struct_conn.pdbx_ptnr1_PDB_ins_code 
_struct_conn.pdbx_ptnr1_standard_comp_id 
_struct_conn.ptnr1_symmetry 
_struct_conn.ptnr2_label_asym_id 
_struct_conn.ptnr2_label_comp_id 
_struct_conn.ptnr2_label_seq_id 
_struct_conn.ptnr2_label_atom_id 
_struct_conn.pdbx_ptnr2_label_alt_id 
_struct_conn.pdbx_ptnr2_PDB_ins_code 
_struct_conn.ptnr1_auth_asym_id 
_struct_conn.ptnr1_auth_comp_id 
_struct_conn.ptnr1_auth_seq_id 
_struct_conn.ptnr2_auth_asym_id 
_struct_conn.ptnr2_auth_comp_id 
_struct_conn.ptnr2_auth_seq_id 
_struct_conn.ptnr2_symmetry 
_struct_conn.pdbx_ptnr3_label_atom_id 
_struct_conn.pdbx_ptnr3_label_seq_id 
_struct_conn.pdbx_ptnr3_label_comp_id 
_struct_conn.pdbx_ptnr3_label_asym_id 
_struct_conn.pdbx_ptnr3_label_alt_id 
_struct_conn.pdbx_ptnr3_PDB_ins_code 
_struct_conn.details 
_struct_conn.pdbx_dist_value 
_struct_conn.pdbx_value_order 
_struct_conn.pdbx_role 
disulf1 disulf ? ? A CYS 2  SG ? ? ? 1_555 A CYS 47 SG ? ? A CYS 2  A CYS 47 1_555 ? ? ? ? ? ? ? 2.094 ? ? 
disulf2 disulf ? ? A CYS 14 SG ? ? ? 1_555 A CYS 37 SG ? ? A CYS 14 A CYS 37 1_555 ? ? ? ? ? ? ? 2.132 ? ? 
disulf3 disulf ? ? B CYS 2  SG ? ? ? 1_555 B CYS 47 SG ? ? B CYS 2  B CYS 47 1_555 ? ? ? ? ? ? ? 2.048 ? ? 
disulf4 disulf ? ? B CYS 14 SG ? ? ? 1_555 B CYS 37 SG ? ? B CYS 14 B CYS 37 1_555 ? ? ? ? ? ? ? 2.069 ? ? 
# 
_struct_conn_type.id          disulf 
_struct_conn_type.criteria    ? 
_struct_conn_type.reference   ? 
# 
loop_
_pdbx_modification_feature.ordinal 
_pdbx_modification_feature.label_comp_id 
_pdbx_modification_feature.label_asym_id 
_pdbx_modification_feature.label_seq_id 
_pdbx_modification_feature.label_alt_id 
_pdbx_modification_feature.modified_residue_label_comp_id 
_pdbx_modification_feature.modified_residue_label_asym_id 
_pdbx_modification_feature.modified_residue_label_seq_id 
_pdbx_modification_feature.modified_residue_label_alt_id 
_pdbx_modification_feature.auth_comp_id 
_pdbx_modification_feature.auth_asym_id 
_pdbx_modification_feature.auth_seq_id 
_pdbx_modification_feature.PDB_ins_code 
_pdbx_modification_feature.symmetry 
_pdbx_modification_feature.modified_residue_auth_comp_id 
_pdbx_modification_feature.modified_residue_auth_asym_id 
_pdbx_modification_feature.modified_residue_auth_seq_id 
_pdbx_modification_feature.modified_residue_PDB_ins_code 
_pdbx_modification_feature.modified_residue_symmetry 
_pdbx_modification_feature.comp_id_linking_atom 
_pdbx_modification_feature.modified_residue_id_linking_atom 
_pdbx_modification_feature.modified_residue_id 
_pdbx_modification_feature.ref_pcm_id 
_pdbx_modification_feature.ref_comp_id 
_pdbx_modification_feature.type 
_pdbx_modification_feature.category 
1 CYS A 2  ? CYS A 47 ? CYS A 2  ? 1_555 CYS A 47 ? 1_555 SG SG . . . None 'Disulfide bridge' 
2 CYS A 14 ? CYS A 37 ? CYS A 14 ? 1_555 CYS A 37 ? 1_555 SG SG . . . None 'Disulfide bridge' 
3 CYS B 2  ? CYS B 47 ? CYS B 2  ? 1_555 CYS B 47 ? 1_555 SG SG . . . None 'Disulfide bridge' 
4 CYS B 14 ? CYS B 37 ? CYS B 14 ? 1_555 CYS B 37 ? 1_555 SG SG . . . None 'Disulfide bridge' 
# 
loop_
_struct_sheet.id 
_struct_sheet.type 
_struct_sheet.number_strands 
_struct_sheet.details 
AA1 ? 2 ? 
AA2 ? 2 ? 
# 
loop_
_struct_sheet_order.sheet_id 
_struct_sheet_order.range_id_1 
_struct_sheet_order.range_id_2 
_struct_sheet_order.offset 
_struct_sheet_order.sense 
AA1 1 2 ? anti-parallel 
AA2 1 2 ? anti-parallel 
# 
loop_
_struct_sheet_range.sheet_id 
_struct_sheet_range.id 
_struct_sheet_range.beg_label_comp_id 
_struct_sheet_range.beg_label_asym_id 
_struct_sheet_range.beg_label_seq_id 
_struct_sheet_range.pdbx_beg_PDB_ins_code 
_struct_sheet_range.end_label_comp_id 
_struct_sheet_range.end_label_asym_id 
_struct_sheet_range.end_label_seq_id 
_struct_sheet_range.pdbx_end_PDB_ins_code 
_struct_sheet_range.beg_auth_comp_id 
_struct_sheet_range.beg_auth_asym_id 
_struct_sheet_range.beg_auth_seq_id 
_struct_sheet_range.end_auth_comp_id 
_struct_sheet_range.end_auth_asym_id 
_struct_sheet_range.end_auth_seq_id 
AA1 1 TYR A 5  ? THR A 7  ? TYR A 5  THR A 7  
AA1 2 GLN A 45 ? CYS A 47 ? GLN A 45 CYS A 47 
AA2 1 TYR B 5  ? THR B 7  ? TYR B 5  THR B 7  
AA2 2 GLN B 45 ? CYS B 47 ? GLN B 45 CYS B 47 
# 
loop_
_pdbx_struct_sheet_hbond.sheet_id 
_pdbx_struct_sheet_hbond.range_id_1 
_pdbx_struct_sheet_hbond.range_id_2 
_pdbx_struct_sheet_hbond.range_1_label_atom_id 
_pdbx_struct_sheet_hbond.range_1_label_comp_id 
_pdbx_struct_sheet_hbond.range_1_label_asym_id 
_pdbx_struct_sheet_hbond.range_1_label_seq_id 
_pdbx_struct_sheet_hbond.range_1_PDB_ins_code 
_pdbx_struct_sheet_hbond.range_1_auth_atom_id 
_pdbx_struct_sheet_hbond.range_1_auth_comp_id 
_pdbx_struct_sheet_hbond.range_1_auth_asym_id 
_pdbx_struct_sheet_hbond.range_1_auth_seq_id 
_pdbx_struct_sheet_hbond.range_2_label_atom_id 
_pdbx_struct_sheet_hbond.range_2_label_comp_id 
_pdbx_struct_sheet_hbond.range_2_label_asym_id 
_pdbx_struct_sheet_hbond.range_2_label_seq_id 
_pdbx_struct_sheet_hbond.range_2_PDB_ins_code 
_pdbx_struct_sheet_hbond.range_2_auth_atom_id 
_pdbx_struct_sheet_hbond.range_2_auth_comp_id 
_pdbx_struct_sheet_hbond.range_2_auth_asym_id 
_pdbx_struct_sheet_hbond.range_2_auth_seq_id 
AA1 1 2 N TYR A 6 ? N TYR A 6 O LEU A 46 ? O LEU A 46 
AA2 1 2 N TYR B 6 ? N TYR B 6 O LEU B 46 ? O LEU B 46 
# 
_struct_site.id                   AC1 
_struct_site.pdbx_evidence_code   Software 
_struct_site.pdbx_auth_asym_id    A 
_struct_site.pdbx_auth_comp_id    SO4 
_struct_site.pdbx_auth_seq_id     101 
_struct_site.pdbx_auth_ins_code   ? 
_struct_site.pdbx_num_residues    6 
_struct_site.details              'binding site for residue SO4 A 101' 
# 
loop_
_struct_site_gen.id 
_struct_site_gen.site_id 
_struct_site_gen.pdbx_num_res 
_struct_site_gen.label_comp_id 
_struct_site_gen.label_asym_id 
_struct_site_gen.label_seq_id 
_struct_site_gen.pdbx_auth_ins_code 
_struct_site_gen.auth_comp_id 
_struct_site_gen.auth_asym_id 
_struct_site_gen.auth_seq_id 
_struct_site_gen.label_atom_id 
_struct_site_gen.label_alt_id 
_struct_site_gen.symmetry 
_struct_site_gen.details 
1 AC1 6 TYR A 6  ? TYR A 6   . ? 1_555 ? 
2 AC1 6 ASP A 12 ? ASP A 12  . ? 1_555 ? 
3 AC1 6 ASN A 16 ? ASN A 16  . ? 1_555 ? 
4 AC1 6 ILE A 17 ? ILE A 17  . ? 1_555 ? 
5 AC1 6 THR A 20 ? THR A 20  . ? 1_555 ? 
6 AC1 6 HOH D .  ? HOH A 213 . ? 1_555 ? 
# 
_pdbx_entry_details.entry_id                   5BUM 
_pdbx_entry_details.compound_details           ? 
_pdbx_entry_details.source_details             ? 
_pdbx_entry_details.nonpolymer_details         ? 
_pdbx_entry_details.sequence_details           ? 
_pdbx_entry_details.has_ligand_of_interest     ? 
_pdbx_entry_details.has_protein_modification   Y 
# 
_pdbx_validate_rmsd_angle.id                         1 
_pdbx_validate_rmsd_angle.PDB_model_num              1 
_pdbx_validate_rmsd_angle.auth_atom_id_1             CB 
_pdbx_validate_rmsd_angle.auth_asym_id_1             B 
_pdbx_validate_rmsd_angle.auth_comp_id_1             ASP 
_pdbx_validate_rmsd_angle.auth_seq_id_1              38 
_pdbx_validate_rmsd_angle.PDB_ins_code_1             ? 
_pdbx_validate_rmsd_angle.label_alt_id_1             ? 
_pdbx_validate_rmsd_angle.auth_atom_id_2             CG 
_pdbx_validate_rmsd_angle.auth_asym_id_2             B 
_pdbx_validate_rmsd_angle.auth_comp_id_2             ASP 
_pdbx_validate_rmsd_angle.auth_seq_id_2              38 
_pdbx_validate_rmsd_angle.PDB_ins_code_2             ? 
_pdbx_validate_rmsd_angle.label_alt_id_2             ? 
_pdbx_validate_rmsd_angle.auth_atom_id_3             OD1 
_pdbx_validate_rmsd_angle.auth_asym_id_3             B 
_pdbx_validate_rmsd_angle.auth_comp_id_3             ASP 
_pdbx_validate_rmsd_angle.auth_seq_id_3              38 
_pdbx_validate_rmsd_angle.PDB_ins_code_3             ? 
_pdbx_validate_rmsd_angle.label_alt_id_3             ? 
_pdbx_validate_rmsd_angle.angle_value                123.84 
_pdbx_validate_rmsd_angle.angle_target_value         118.30 
_pdbx_validate_rmsd_angle.angle_deviation            5.54 
_pdbx_validate_rmsd_angle.angle_standard_deviation   0.90 
_pdbx_validate_rmsd_angle.linker_flag                N 
# 
loop_
_pdbx_validate_torsion.id 
_pdbx_validate_torsion.PDB_model_num 
_pdbx_validate_torsion.auth_comp_id 
_pdbx_validate_torsion.auth_asym_id 
_pdbx_validate_torsion.auth_seq_id 
_pdbx_validate_torsion.PDB_ins_code 
_pdbx_validate_torsion.label_alt_id 
_pdbx_validate_torsion.phi 
_pdbx_validate_torsion.psi 
1 1 ASN A 39 ? ? -158.62 47.71  
2 1 ILE B 23 ? ? -59.92  179.13 
3 1 PRO B 33 ? ? -46.71  103.49 
4 1 LEU B 35 ? ? -165.28 98.51  
# 
loop_
_pdbx_unobs_or_zero_occ_residues.id 
_pdbx_unobs_or_zero_occ_residues.PDB_model_num 
_pdbx_unobs_or_zero_occ_residues.polymer_flag 
_pdbx_unobs_or_zero_occ_residues.occupancy_flag 
_pdbx_unobs_or_zero_occ_residues.auth_asym_id 
_pdbx_unobs_or_zero_occ_residues.auth_comp_id 
_pdbx_unobs_or_zero_occ_residues.auth_seq_id 
_pdbx_unobs_or_zero_occ_residues.PDB_ins_code 
_pdbx_unobs_or_zero_occ_residues.label_asym_id 
_pdbx_unobs_or_zero_occ_residues.label_comp_id 
_pdbx_unobs_or_zero_occ_residues.label_seq_id 
1 1 Y 1 A ALA 1 ? A ALA 1 
2 1 Y 1 B ALA 1 ? B ALA 1 
# 
loop_
_chem_comp_atom.comp_id 
_chem_comp_atom.atom_id 
_chem_comp_atom.type_symbol 
_chem_comp_atom.pdbx_aromatic_flag 
_chem_comp_atom.pdbx_stereo_config 
_chem_comp_atom.pdbx_ordinal 
ALA N    N N N 1   
ALA CA   C N S 2   
ALA C    C N N 3   
ALA O    O N N 4   
ALA CB   C N N 5   
ALA OXT  O N N 6   
ALA H    H N N 7   
ALA H2   H N N 8   
ALA HA   H N N 9   
ALA HB1  H N N 10  
ALA HB2  H N N 11  
ALA HB3  H N N 12  
ALA HXT  H N N 13  
ASN N    N N N 14  
ASN CA   C N S 15  
ASN C    C N N 16  
ASN O    O N N 17  
ASN CB   C N N 18  
ASN CG   C N N 19  
ASN OD1  O N N 20  
ASN ND2  N N N 21  
ASN OXT  O N N 22  
ASN H    H N N 23  
ASN H2   H N N 24  
ASN HA   H N N 25  
ASN HB2  H N N 26  
ASN HB3  H N N 27  
ASN HD21 H N N 28  
ASN HD22 H N N 29  
ASN HXT  H N N 30  
ASP N    N N N 31  
ASP CA   C N S 32  
ASP C    C N N 33  
ASP O    O N N 34  
ASP CB   C N N 35  
ASP CG   C N N 36  
ASP OD1  O N N 37  
ASP OD2  O N N 38  
ASP OXT  O N N 39  
ASP H    H N N 40  
ASP H2   H N N 41  
ASP HA   H N N 42  
ASP HB2  H N N 43  
ASP HB3  H N N 44  
ASP HD2  H N N 45  
ASP HXT  H N N 46  
CYS N    N N N 47  
CYS CA   C N R 48  
CYS C    C N N 49  
CYS O    O N N 50  
CYS CB   C N N 51  
CYS SG   S N N 52  
CYS OXT  O N N 53  
CYS H    H N N 54  
CYS H2   H N N 55  
CYS HA   H N N 56  
CYS HB2  H N N 57  
CYS HB3  H N N 58  
CYS HG   H N N 59  
CYS HXT  H N N 60  
GLN N    N N N 61  
GLN CA   C N S 62  
GLN C    C N N 63  
GLN O    O N N 64  
GLN CB   C N N 65  
GLN CG   C N N 66  
GLN CD   C N N 67  
GLN OE1  O N N 68  
GLN NE2  N N N 69  
GLN OXT  O N N 70  
GLN H    H N N 71  
GLN H2   H N N 72  
GLN HA   H N N 73  
GLN HB2  H N N 74  
GLN HB3  H N N 75  
GLN HG2  H N N 76  
GLN HG3  H N N 77  
GLN HE21 H N N 78  
GLN HE22 H N N 79  
GLN HXT  H N N 80  
GLY N    N N N 81  
GLY CA   C N N 82  
GLY C    C N N 83  
GLY O    O N N 84  
GLY OXT  O N N 85  
GLY H    H N N 86  
GLY H2   H N N 87  
GLY HA2  H N N 88  
GLY HA3  H N N 89  
GLY HXT  H N N 90  
HOH O    O N N 91  
HOH H1   H N N 92  
HOH H2   H N N 93  
ILE N    N N N 94  
ILE CA   C N S 95  
ILE C    C N N 96  
ILE O    O N N 97  
ILE CB   C N S 98  
ILE CG1  C N N 99  
ILE CG2  C N N 100 
ILE CD1  C N N 101 
ILE OXT  O N N 102 
ILE H    H N N 103 
ILE H2   H N N 104 
ILE HA   H N N 105 
ILE HB   H N N 106 
ILE HG12 H N N 107 
ILE HG13 H N N 108 
ILE HG21 H N N 109 
ILE HG22 H N N 110 
ILE HG23 H N N 111 
ILE HD11 H N N 112 
ILE HD12 H N N 113 
ILE HD13 H N N 114 
ILE HXT  H N N 115 
LEU N    N N N 116 
LEU CA   C N S 117 
LEU C    C N N 118 
LEU O    O N N 119 
LEU CB   C N N 120 
LEU CG   C N N 121 
LEU CD1  C N N 122 
LEU CD2  C N N 123 
LEU OXT  O N N 124 
LEU H    H N N 125 
LEU H2   H N N 126 
LEU HA   H N N 127 
LEU HB2  H N N 128 
LEU HB3  H N N 129 
LEU HG   H N N 130 
LEU HD11 H N N 131 
LEU HD12 H N N 132 
LEU HD13 H N N 133 
LEU HD21 H N N 134 
LEU HD22 H N N 135 
LEU HD23 H N N 136 
LEU HXT  H N N 137 
LYS N    N N N 138 
LYS CA   C N S 139 
LYS C    C N N 140 
LYS O    O N N 141 
LYS CB   C N N 142 
LYS CG   C N N 143 
LYS CD   C N N 144 
LYS CE   C N N 145 
LYS NZ   N N N 146 
LYS OXT  O N N 147 
LYS H    H N N 148 
LYS H2   H N N 149 
LYS HA   H N N 150 
LYS HB2  H N N 151 
LYS HB3  H N N 152 
LYS HG2  H N N 153 
LYS HG3  H N N 154 
LYS HD2  H N N 155 
LYS HD3  H N N 156 
LYS HE2  H N N 157 
LYS HE3  H N N 158 
LYS HZ1  H N N 159 
LYS HZ2  H N N 160 
LYS HZ3  H N N 161 
LYS HXT  H N N 162 
PRO N    N N N 163 
PRO CA   C N S 164 
PRO C    C N N 165 
PRO O    O N N 166 
PRO CB   C N N 167 
PRO CG   C N N 168 
PRO CD   C N N 169 
PRO OXT  O N N 170 
PRO H    H N N 171 
PRO HA   H N N 172 
PRO HB2  H N N 173 
PRO HB3  H N N 174 
PRO HG2  H N N 175 
PRO HG3  H N N 176 
PRO HD2  H N N 177 
PRO HD3  H N N 178 
PRO HXT  H N N 179 
SER N    N N N 180 
SER CA   C N S 181 
SER C    C N N 182 
SER O    O N N 183 
SER CB   C N N 184 
SER OG   O N N 185 
SER OXT  O N N 186 
SER H    H N N 187 
SER H2   H N N 188 
SER HA   H N N 189 
SER HB2  H N N 190 
SER HB3  H N N 191 
SER HG   H N N 192 
SER HXT  H N N 193 
SO4 S    S N N 194 
SO4 O1   O N N 195 
SO4 O2   O N N 196 
SO4 O3   O N N 197 
SO4 O4   O N N 198 
THR N    N N N 199 
THR CA   C N S 200 
THR C    C N N 201 
THR O    O N N 202 
THR CB   C N R 203 
THR OG1  O N N 204 
THR CG2  C N N 205 
THR OXT  O N N 206 
THR H    H N N 207 
THR H2   H N N 208 
THR HA   H N N 209 
THR HB   H N N 210 
THR HG1  H N N 211 
THR HG21 H N N 212 
THR HG22 H N N 213 
THR HG23 H N N 214 
THR HXT  H N N 215 
TYR N    N N N 216 
TYR CA   C N S 217 
TYR C    C N N 218 
TYR O    O N N 219 
TYR CB   C N N 220 
TYR CG   C Y N 221 
TYR CD1  C Y N 222 
TYR CD2  C Y N 223 
TYR CE1  C Y N 224 
TYR CE2  C Y N 225 
TYR CZ   C Y N 226 
TYR OH   O N N 227 
TYR OXT  O N N 228 
TYR H    H N N 229 
TYR H2   H N N 230 
TYR HA   H N N 231 
TYR HB2  H N N 232 
TYR HB3  H N N 233 
TYR HD1  H N N 234 
TYR HD2  H N N 235 
TYR HE1  H N N 236 
TYR HE2  H N N 237 
TYR HH   H N N 238 
TYR HXT  H N N 239 
VAL N    N N N 240 
VAL CA   C N S 241 
VAL C    C N N 242 
VAL O    O N N 243 
VAL CB   C N N 244 
VAL CG1  C N N 245 
VAL CG2  C N N 246 
VAL OXT  O N N 247 
VAL H    H N N 248 
VAL H2   H N N 249 
VAL HA   H N N 250 
VAL HB   H N N 251 
VAL HG11 H N N 252 
VAL HG12 H N N 253 
VAL HG13 H N N 254 
VAL HG21 H N N 255 
VAL HG22 H N N 256 
VAL HG23 H N N 257 
VAL HXT  H N N 258 
# 
loop_
_chem_comp_bond.comp_id 
_chem_comp_bond.atom_id_1 
_chem_comp_bond.atom_id_2 
_chem_comp_bond.value_order 
_chem_comp_bond.pdbx_aromatic_flag 
_chem_comp_bond.pdbx_stereo_config 
_chem_comp_bond.pdbx_ordinal 
ALA N   CA   sing N N 1   
ALA N   H    sing N N 2   
ALA N   H2   sing N N 3   
ALA CA  C    sing N N 4   
ALA CA  CB   sing N N 5   
ALA CA  HA   sing N N 6   
ALA C   O    doub N N 7   
ALA C   OXT  sing N N 8   
ALA CB  HB1  sing N N 9   
ALA CB  HB2  sing N N 10  
ALA CB  HB3  sing N N 11  
ALA OXT HXT  sing N N 12  
ASN N   CA   sing N N 13  
ASN N   H    sing N N 14  
ASN N   H2   sing N N 15  
ASN CA  C    sing N N 16  
ASN CA  CB   sing N N 17  
ASN CA  HA   sing N N 18  
ASN C   O    doub N N 19  
ASN C   OXT  sing N N 20  
ASN CB  CG   sing N N 21  
ASN CB  HB2  sing N N 22  
ASN CB  HB3  sing N N 23  
ASN CG  OD1  doub N N 24  
ASN CG  ND2  sing N N 25  
ASN ND2 HD21 sing N N 26  
ASN ND2 HD22 sing N N 27  
ASN OXT HXT  sing N N 28  
ASP N   CA   sing N N 29  
ASP N   H    sing N N 30  
ASP N   H2   sing N N 31  
ASP CA  C    sing N N 32  
ASP CA  CB   sing N N 33  
ASP CA  HA   sing N N 34  
ASP C   O    doub N N 35  
ASP C   OXT  sing N N 36  
ASP CB  CG   sing N N 37  
ASP CB  HB2  sing N N 38  
ASP CB  HB3  sing N N 39  
ASP CG  OD1  doub N N 40  
ASP CG  OD2  sing N N 41  
ASP OD2 HD2  sing N N 42  
ASP OXT HXT  sing N N 43  
CYS N   CA   sing N N 44  
CYS N   H    sing N N 45  
CYS N   H2   sing N N 46  
CYS CA  C    sing N N 47  
CYS CA  CB   sing N N 48  
CYS CA  HA   sing N N 49  
CYS C   O    doub N N 50  
CYS C   OXT  sing N N 51  
CYS CB  SG   sing N N 52  
CYS CB  HB2  sing N N 53  
CYS CB  HB3  sing N N 54  
CYS SG  HG   sing N N 55  
CYS OXT HXT  sing N N 56  
GLN N   CA   sing N N 57  
GLN N   H    sing N N 58  
GLN N   H2   sing N N 59  
GLN CA  C    sing N N 60  
GLN CA  CB   sing N N 61  
GLN CA  HA   sing N N 62  
GLN C   O    doub N N 63  
GLN C   OXT  sing N N 64  
GLN CB  CG   sing N N 65  
GLN CB  HB2  sing N N 66  
GLN CB  HB3  sing N N 67  
GLN CG  CD   sing N N 68  
GLN CG  HG2  sing N N 69  
GLN CG  HG3  sing N N 70  
GLN CD  OE1  doub N N 71  
GLN CD  NE2  sing N N 72  
GLN NE2 HE21 sing N N 73  
GLN NE2 HE22 sing N N 74  
GLN OXT HXT  sing N N 75  
GLY N   CA   sing N N 76  
GLY N   H    sing N N 77  
GLY N   H2   sing N N 78  
GLY CA  C    sing N N 79  
GLY CA  HA2  sing N N 80  
GLY CA  HA3  sing N N 81  
GLY C   O    doub N N 82  
GLY C   OXT  sing N N 83  
GLY OXT HXT  sing N N 84  
HOH O   H1   sing N N 85  
HOH O   H2   sing N N 86  
ILE N   CA   sing N N 87  
ILE N   H    sing N N 88  
ILE N   H2   sing N N 89  
ILE CA  C    sing N N 90  
ILE CA  CB   sing N N 91  
ILE CA  HA   sing N N 92  
ILE C   O    doub N N 93  
ILE C   OXT  sing N N 94  
ILE CB  CG1  sing N N 95  
ILE CB  CG2  sing N N 96  
ILE CB  HB   sing N N 97  
ILE CG1 CD1  sing N N 98  
ILE CG1 HG12 sing N N 99  
ILE CG1 HG13 sing N N 100 
ILE CG2 HG21 sing N N 101 
ILE CG2 HG22 sing N N 102 
ILE CG2 HG23 sing N N 103 
ILE CD1 HD11 sing N N 104 
ILE CD1 HD12 sing N N 105 
ILE CD1 HD13 sing N N 106 
ILE OXT HXT  sing N N 107 
LEU N   CA   sing N N 108 
LEU N   H    sing N N 109 
LEU N   H2   sing N N 110 
LEU CA  C    sing N N 111 
LEU CA  CB   sing N N 112 
LEU CA  HA   sing N N 113 
LEU C   O    doub N N 114 
LEU C   OXT  sing N N 115 
LEU CB  CG   sing N N 116 
LEU CB  HB2  sing N N 117 
LEU CB  HB3  sing N N 118 
LEU CG  CD1  sing N N 119 
LEU CG  CD2  sing N N 120 
LEU CG  HG   sing N N 121 
LEU CD1 HD11 sing N N 122 
LEU CD1 HD12 sing N N 123 
LEU CD1 HD13 sing N N 124 
LEU CD2 HD21 sing N N 125 
LEU CD2 HD22 sing N N 126 
LEU CD2 HD23 sing N N 127 
LEU OXT HXT  sing N N 128 
LYS N   CA   sing N N 129 
LYS N   H    sing N N 130 
LYS N   H2   sing N N 131 
LYS CA  C    sing N N 132 
LYS CA  CB   sing N N 133 
LYS CA  HA   sing N N 134 
LYS C   O    doub N N 135 
LYS C   OXT  sing N N 136 
LYS CB  CG   sing N N 137 
LYS CB  HB2  sing N N 138 
LYS CB  HB3  sing N N 139 
LYS CG  CD   sing N N 140 
LYS CG  HG2  sing N N 141 
LYS CG  HG3  sing N N 142 
LYS CD  CE   sing N N 143 
LYS CD  HD2  sing N N 144 
LYS CD  HD3  sing N N 145 
LYS CE  NZ   sing N N 146 
LYS CE  HE2  sing N N 147 
LYS CE  HE3  sing N N 148 
LYS NZ  HZ1  sing N N 149 
LYS NZ  HZ2  sing N N 150 
LYS NZ  HZ3  sing N N 151 
LYS OXT HXT  sing N N 152 
PRO N   CA   sing N N 153 
PRO N   CD   sing N N 154 
PRO N   H    sing N N 155 
PRO CA  C    sing N N 156 
PRO CA  CB   sing N N 157 
PRO CA  HA   sing N N 158 
PRO C   O    doub N N 159 
PRO C   OXT  sing N N 160 
PRO CB  CG   sing N N 161 
PRO CB  HB2  sing N N 162 
PRO CB  HB3  sing N N 163 
PRO CG  CD   sing N N 164 
PRO CG  HG2  sing N N 165 
PRO CG  HG3  sing N N 166 
PRO CD  HD2  sing N N 167 
PRO CD  HD3  sing N N 168 
PRO OXT HXT  sing N N 169 
SER N   CA   sing N N 170 
SER N   H    sing N N 171 
SER N   H2   sing N N 172 
SER CA  C    sing N N 173 
SER CA  CB   sing N N 174 
SER CA  HA   sing N N 175 
SER C   O    doub N N 176 
SER C   OXT  sing N N 177 
SER CB  OG   sing N N 178 
SER CB  HB2  sing N N 179 
SER CB  HB3  sing N N 180 
SER OG  HG   sing N N 181 
SER OXT HXT  sing N N 182 
SO4 S   O1   doub N N 183 
SO4 S   O2   doub N N 184 
SO4 S   O3   sing N N 185 
SO4 S   O4   sing N N 186 
THR N   CA   sing N N 187 
THR N   H    sing N N 188 
THR N   H2   sing N N 189 
THR CA  C    sing N N 190 
THR CA  CB   sing N N 191 
THR CA  HA   sing N N 192 
THR C   O    doub N N 193 
THR C   OXT  sing N N 194 
THR CB  OG1  sing N N 195 
THR CB  CG2  sing N N 196 
THR CB  HB   sing N N 197 
THR OG1 HG1  sing N N 198 
THR CG2 HG21 sing N N 199 
THR CG2 HG22 sing N N 200 
THR CG2 HG23 sing N N 201 
THR OXT HXT  sing N N 202 
TYR N   CA   sing N N 203 
TYR N   H    sing N N 204 
TYR N   H2   sing N N 205 
TYR CA  C    sing N N 206 
TYR CA  CB   sing N N 207 
TYR CA  HA   sing N N 208 
TYR C   O    doub N N 209 
TYR C   OXT  sing N N 210 
TYR CB  CG   sing N N 211 
TYR CB  HB2  sing N N 212 
TYR CB  HB3  sing N N 213 
TYR CG  CD1  doub Y N 214 
TYR CG  CD2  sing Y N 215 
TYR CD1 CE1  sing Y N 216 
TYR CD1 HD1  sing N N 217 
TYR CD2 CE2  doub Y N 218 
TYR CD2 HD2  sing N N 219 
TYR CE1 CZ   doub Y N 220 
TYR CE1 HE1  sing N N 221 
TYR CE2 CZ   sing Y N 222 
TYR CE2 HE2  sing N N 223 
TYR CZ  OH   sing N N 224 
TYR OH  HH   sing N N 225 
TYR OXT HXT  sing N N 226 
VAL N   CA   sing N N 227 
VAL N   H    sing N N 228 
VAL N   H2   sing N N 229 
VAL CA  C    sing N N 230 
VAL CA  CB   sing N N 231 
VAL CA  HA   sing N N 232 
VAL C   O    doub N N 233 
VAL C   OXT  sing N N 234 
VAL CB  CG1  sing N N 235 
VAL CB  CG2  sing N N 236 
VAL CB  HB   sing N N 237 
VAL CG1 HG11 sing N N 238 
VAL CG1 HG12 sing N N 239 
VAL CG1 HG13 sing N N 240 
VAL CG2 HG21 sing N N 241 
VAL CG2 HG22 sing N N 242 
VAL CG2 HG23 sing N N 243 
VAL OXT HXT  sing N N 244 
# 
_pdbx_initial_refinement_model.id               1 
_pdbx_initial_refinement_model.entity_id_list   ? 
_pdbx_initial_refinement_model.type             'experimental model' 
_pdbx_initial_refinement_model.source_name      PDB 
_pdbx_initial_refinement_model.accession_code   4PXV 
_pdbx_initial_refinement_model.details          ? 
# 
_atom_sites.entry_id                    5BUM 
_atom_sites.fract_transf_matrix[1][1]   0.01118429 
_atom_sites.fract_transf_matrix[1][2]   -0.00065540 
_atom_sites.fract_transf_matrix[1][3]   -0.00818549 
_atom_sites.fract_transf_matrix[2][1]   0.00019548 
_atom_sites.fract_transf_matrix[2][2]   0.00688512 
_atom_sites.fract_transf_matrix[2][3]   -0.01204461 
_atom_sites.fract_transf_matrix[3][1]   0.00882107 
_atom_sites.fract_transf_matrix[3][2]   0.01827450 
_atom_sites.fract_transf_matrix[3][3]   0.01058950 
_atom_sites.fract_transf_vector[1]      -0.419217 
_atom_sites.fract_transf_vector[2]      0.085504 
_atom_sites.fract_transf_vector[3]      0.015019 
# 
loop_
_atom_type.symbol 
C 
N 
O 
S 
# 
loop_
_atom_site.group_PDB 
_atom_site.id 
_atom_site.type_symbol 
_atom_site.label_atom_id 
_atom_site.label_alt_id 
_atom_site.label_comp_id 
_atom_site.label_asym_id 
_atom_site.label_entity_id 
_atom_site.label_seq_id 
_atom_site.pdbx_PDB_ins_code 
_atom_site.Cartn_x 
_atom_site.Cartn_y 
_atom_site.Cartn_z 
_atom_site.occupancy 
_atom_site.B_iso_or_equiv 
_atom_site.pdbx_formal_charge 
_atom_site.auth_seq_id 
_atom_site.auth_comp_id 
_atom_site.auth_asym_id 
_atom_site.auth_atom_id 
_atom_site.pdbx_PDB_model_num 
ATOM   1   N N   . CYS A 1 2  ? -13.743 -0.845  -3.694  1.00 52.02  ? 2   CYS A N   1 
ATOM   2   C CA  . CYS A 1 2  ? -12.858 -1.133  -4.864  1.00 54.39  ? 2   CYS A CA  1 
ATOM   3   C C   . CYS A 1 2  ? -13.194 -2.411  -5.635  1.00 51.44  ? 2   CYS A C   1 
ATOM   4   O O   . CYS A 1 2  ? -13.111 -3.508  -5.098  1.00 48.20  ? 2   CYS A O   1 
ATOM   5   C CB  . CYS A 1 2  ? -11.397 -1.208  -4.425  1.00 52.22  ? 2   CYS A CB  1 
ATOM   6   S SG  . CYS A 1 2  ? -10.266 -1.033  -5.823  1.00 49.14  ? 2   CYS A SG  1 
ATOM   7   N N   . THR A 1 3  ? -13.533 -2.240  -6.913  1.00 56.01  ? 3   THR A N   1 
ATOM   8   C CA  . THR A 1 3  ? -13.857 -3.343  -7.828  1.00 52.58  ? 3   THR A CA  1 
ATOM   9   C C   . THR A 1 3  ? -12.562 -4.013  -8.327  1.00 49.20  ? 3   THR A C   1 
ATOM   10  O O   . THR A 1 3  ? -12.476 -5.244  -8.443  1.00 54.49  ? 3   THR A O   1 
ATOM   11  C CB  . THR A 1 3  ? -14.680 -2.796  -9.017  1.00 49.30  ? 3   THR A CB  1 
ATOM   12  N N   . SER A 1 4  ? -11.537 -3.193  -8.584  1.00 44.34  ? 4   SER A N   1 
ATOM   13  C CA  . SER A 1 4  ? -10.391 -3.611  -9.407  1.00 40.14  ? 4   SER A CA  1 
ATOM   14  C C   . SER A 1 4  ? -9.078  -3.000  -8.972  1.00 33.15  ? 4   SER A C   1 
ATOM   15  O O   . SER A 1 4  ? -9.042  -1.832  -8.694  1.00 38.39  ? 4   SER A O   1 
ATOM   16  C CB  . SER A 1 4  ? -10.635 -3.225  -10.878 1.00 39.56  ? 4   SER A CB  1 
ATOM   17  O OG  . SER A 1 4  ? -9.762  -3.978  -11.726 1.00 40.06  ? 4   SER A OG  1 
ATOM   18  N N   . TYR A 1 5  ? -7.992  -3.770  -8.997  1.00 29.77  ? 5   TYR A N   1 
ATOM   19  C CA  . TYR A 1 5  ? -6.683  -3.307  -8.531  1.00 31.18  ? 5   TYR A CA  1 
ATOM   20  C C   . TYR A 1 5  ? -5.599  -3.460  -9.557  1.00 29.06  ? 5   TYR A C   1 
ATOM   21  O O   . TYR A 1 5  ? -5.599  -4.438  -10.259 1.00 28.69  ? 5   TYR A O   1 
ATOM   22  C CB  . TYR A 1 5  ? -6.202  -4.103  -7.297  1.00 31.33  ? 5   TYR A CB  1 
ATOM   23  C CG  . TYR A 1 5  ? -6.942  -3.737  -6.033  1.00 33.09  ? 5   TYR A CG  1 
ATOM   24  C CD1 . TYR A 1 5  ? -6.530  -2.663  -5.253  1.00 32.82  ? 5   TYR A CD1 1 
ATOM   25  C CD2 . TYR A 1 5  ? -8.066  -4.461  -5.631  1.00 33.94  ? 5   TYR A CD2 1 
ATOM   26  C CE1 . TYR A 1 5  ? -7.217  -2.313  -4.117  1.00 33.97  ? 5   TYR A CE1 1 
ATOM   27  C CE2 . TYR A 1 5  ? -8.756  -4.123  -4.500  1.00 34.22  ? 5   TYR A CE2 1 
ATOM   28  C CZ  . TYR A 1 5  ? -8.323  -3.055  -3.749  1.00 38.05  ? 5   TYR A CZ  1 
ATOM   29  O OH  . TYR A 1 5  ? -8.984  -2.734  -2.595  1.00 43.92  ? 5   TYR A OH  1 
ATOM   30  N N   . TYR A 1 6  ? -4.656  -2.512  -9.555  1.00 28.16  ? 6   TYR A N   1 
ATOM   31  C CA  . TYR A 1 6  ? -3.409  -2.591  -10.277 1.00 27.65  ? 6   TYR A CA  1 
ATOM   32  C C   . TYR A 1 6  ? -2.222  -2.687  -9.316  1.00 30.53  ? 6   TYR A C   1 
ATOM   33  O O   . TYR A 1 6  ? -2.117  -1.921  -8.363  1.00 36.71  ? 6   TYR A O   1 
ATOM   34  C CB  . TYR A 1 6  ? -3.195  -1.345  -11.173 1.00 26.61  ? 6   TYR A CB  1 
ATOM   35  C CG  . TYR A 1 6  ? -1.876  -1.427  -11.915 1.00 24.08  ? 6   TYR A CG  1 
ATOM   36  C CD1 . TYR A 1 6  ? -1.726  -2.272  -12.993 1.00 25.52  ? 6   TYR A CD1 1 
ATOM   37  C CD2 . TYR A 1 6  ? -0.790  -0.720  -11.492 1.00 23.19  ? 6   TYR A CD2 1 
ATOM   38  C CE1 . TYR A 1 6  ? -0.516  -2.372  -13.676 1.00 26.35  ? 6   TYR A CE1 1 
ATOM   39  C CE2 . TYR A 1 6  ? 0.429   -0.804  -12.139 1.00 24.95  ? 6   TYR A CE2 1 
ATOM   40  C CZ  . TYR A 1 6  ? 0.564   -1.615  -13.243 1.00 27.73  ? 6   TYR A CZ  1 
ATOM   41  O OH  . TYR A 1 6  ? 1.800   -1.715  -13.884 1.00 31.60  ? 6   TYR A OH  1 
ATOM   42  N N   . THR A 1 7  ? -1.295  -3.584  -9.613  1.00 29.57  ? 7   THR A N   1 
ATOM   43  C CA  . THR A 1 7  ? -0.149  -3.829  -8.772  1.00 28.74  ? 7   THR A CA  1 
ATOM   44  C C   . THR A 1 7  ? 1.093   -3.127  -9.253  1.00 28.42  ? 7   THR A C   1 
ATOM   45  O O   . THR A 1 7  ? 1.620   -3.436  -10.319 1.00 30.16  ? 7   THR A O   1 
ATOM   46  C CB  . THR A 1 7  ? 0.190   -5.322  -8.787  1.00 32.24  ? 7   THR A CB  1 
ATOM   47  O OG1 . THR A 1 7  ? -0.874  -6.046  -8.148  1.00 34.31  ? 7   THR A OG1 1 
ATOM   48  C CG2 . THR A 1 7  ? 1.545   -5.561  -8.046  1.00 33.46  ? 7   THR A CG2 1 
ATOM   49  N N   . VAL A 1 8  ? 1.634   -2.230  -8.448  1.00 30.24  ? 8   VAL A N   1 
ATOM   50  C CA  . VAL A 1 8  ? 2.816   -1.490  -8.885  1.00 31.88  ? 8   VAL A CA  1 
ATOM   51  C C   . VAL A 1 8  ? 3.968   -2.460  -9.202  1.00 35.50  ? 8   VAL A C   1 
ATOM   52  O O   . VAL A 1 8  ? 4.193   -3.455  -8.496  1.00 39.27  ? 8   VAL A O   1 
ATOM   53  C CB  . VAL A 1 8  ? 3.209   -0.433  -7.853  1.00 31.17  ? 8   VAL A CB  1 
ATOM   54  C CG1 . VAL A 1 8  ? 4.534   0.203   -8.210  1.00 31.91  ? 8   VAL A CG1 1 
ATOM   55  C CG2 . VAL A 1 8  ? 2.114   0.607   -7.728  1.00 31.05  ? 8   VAL A CG2 1 
ATOM   56  N N   . LYS A 1 9  ? 4.618   -2.196  -10.325 1.00 38.65  ? 9   LYS A N   1 
ATOM   57  C CA  . LYS A 1 9  ? 5.785   -2.908  -10.751 1.00 40.55  ? 9   LYS A CA  1 
ATOM   58  C C   . LYS A 1 9  ? 6.882   -1.895  -10.881 1.00 42.14  ? 9   LYS A C   1 
ATOM   59  O O   . LYS A 1 9  ? 6.667   -0.674  -10.832 1.00 42.01  ? 9   LYS A O   1 
ATOM   60  C CB  . LYS A 1 9  ? 5.553   -3.632  -12.070 1.00 46.16  ? 9   LYS A CB  1 
ATOM   61  C CG  . LYS A 1 9  ? 4.907   -5.000  -11.874 1.00 56.17  ? 9   LYS A CG  1 
ATOM   62  C CD  . LYS A 1 9  ? 4.041   -5.424  -13.047 1.00 62.98  ? 9   LYS A CD  1 
ATOM   63  C CE  . LYS A 1 9  ? 2.713   -4.643  -13.114 1.00 70.36  ? 9   LYS A CE  1 
ATOM   64  N NZ  . LYS A 1 9  ? 1.532   -5.246  -12.402 1.00 69.95  ? 9   LYS A NZ  1 
ATOM   65  N N   . SER A 1 10 ? 8.075   -2.432  -10.990 1.00 44.38  ? 10  SER A N   1 
ATOM   66  C CA  . SER A 1 10 ? 9.307   -1.667  -11.079 1.00 49.77  ? 10  SER A CA  1 
ATOM   67  C C   . SER A 1 10 ? 9.227   -0.568  -12.149 1.00 45.13  ? 10  SER A C   1 
ATOM   68  O O   . SER A 1 10 ? 8.978   -0.870  -13.309 1.00 42.07  ? 10  SER A O   1 
ATOM   69  C CB  . SER A 1 10 ? 10.449  -2.648  -11.423 1.00 51.85  ? 10  SER A CB  1 
ATOM   70  O OG  . SER A 1 10 ? 11.694  -2.089  -11.072 1.00 61.09  ? 10  SER A OG  1 
ATOM   71  N N   . GLY A 1 11 ? 9.419   0.693   -11.765 1.00 44.36  ? 11  GLY A N   1 
ATOM   72  C CA  . GLY A 1 11 ? 9.445   1.793   -12.744 1.00 44.43  ? 11  GLY A CA  1 
ATOM   73  C C   . GLY A 1 11 ? 8.089   2.380   -13.146 1.00 44.00  ? 11  GLY A C   1 
ATOM   74  O O   . GLY A 1 11 ? 8.028   3.371   -13.864 1.00 42.96  ? 11  GLY A O   1 
ATOM   75  N N   . ASP A 1 12 ? 6.997   1.781   -12.690 1.00 37.91  ? 12  ASP A N   1 
ATOM   76  C CA  . ASP A 1 12 ? 5.683   2.392   -12.877 1.00 32.41  ? 12  ASP A CA  1 
ATOM   77  C C   . ASP A 1 12 ? 5.529   3.789   -12.307 1.00 30.44  ? 12  ASP A C   1 
ATOM   78  O O   . ASP A 1 12 ? 5.978   4.071   -11.197 1.00 29.95  ? 12  ASP A O   1 
ATOM   79  C CB  . ASP A 1 12 ? 4.636   1.541   -12.198 1.00 32.60  ? 12  ASP A CB  1 
ATOM   80  C CG  . ASP A 1 12 ? 4.319   0.317   -12.968 1.00 33.89  ? 12  ASP A CG  1 
ATOM   81  O OD1 . ASP A 1 12 ? 4.812   0.189   -14.109 1.00 37.87  ? 12  ASP A OD1 1 
ATOM   82  O OD2 . ASP A 1 12 ? 3.555   -0.499  -12.441 1.00 32.31  ? 12  ASP A OD2 1 
ATOM   83  N N   . ILE A 1 13 ? 4.819   4.658   -13.022 1.00 30.20  ? 13  ILE A N   1 
ATOM   84  C CA  . ILE A 1 13 ? 4.477   5.989   -12.462 1.00 29.94  ? 13  ILE A CA  1 
ATOM   85  C C   . ILE A 1 13 ? 2.985   6.201   -12.513 1.00 29.78  ? 13  ILE A C   1 
ATOM   86  O O   . ILE A 1 13 ? 2.253   5.495   -13.236 1.00 35.12  ? 13  ILE A O   1 
ATOM   87  C CB  . ILE A 1 13 ? 5.230   7.131   -13.178 1.00 31.54  ? 13  ILE A CB  1 
ATOM   88  C CG1 . ILE A 1 13 ? 4.780   7.244   -14.653 1.00 35.36  ? 13  ILE A CG1 1 
ATOM   89  C CG2 . ILE A 1 13 ? 6.739   6.855   -13.120 1.00 31.25  ? 13  ILE A CG2 1 
ATOM   90  C CD1 . ILE A 1 13 ? 5.501   8.330   -15.438 1.00 35.18  ? 13  ILE A CD1 1 
ATOM   91  N N   . CYS A 1 14 ? 2.497   7.133   -11.716 1.00 28.85  ? 14  CYS A N   1 
ATOM   92  C CA  . CYS A 1 14 ? 1.048   7.243   -11.574 1.00 29.14  ? 14  CYS A CA  1 
ATOM   93  C C   . CYS A 1 14 ? 0.406   7.638   -12.908 1.00 30.81  ? 14  CYS A C   1 
ATOM   94  O O   . CYS A 1 14 ? -0.661  7.136   -13.249 1.00 31.35  ? 14  CYS A O   1 
ATOM   95  C CB  . CYS A 1 14 ? 0.665   8.275   -10.528 1.00 28.73  ? 14  CYS A CB  1 
ATOM   96  S SG  . CYS A 1 14 ? 0.694   7.718   -8.820  1.00 29.43  ? 14  CYS A SG  1 
ATOM   97  N N   . TYR A 1 15 ? 1.047   8.563   -13.638 1.00 29.12  ? 15  TYR A N   1 
ATOM   98  C CA  . TYR A 1 15 ? 0.498   9.026   -14.889 1.00 26.24  ? 15  TYR A CA  1 
ATOM   99  C C   . TYR A 1 15 ? 0.228   7.865   -15.797 1.00 24.46  ? 15  TYR A C   1 
ATOM   100 O O   . TYR A 1 15 ? -0.841  7.810   -16.385 1.00 25.34  ? 15  TYR A O   1 
ATOM   101 C CB  . TYR A 1 15 ? 1.407   10.046  -15.549 1.00 27.13  ? 15  TYR A CB  1 
ATOM   102 C CG  . TYR A 1 15 ? 0.837   10.688  -16.791 1.00 28.51  ? 15  TYR A CG  1 
ATOM   103 C CD1 . TYR A 1 15 ? -0.017  11.779  -16.717 1.00 31.56  ? 15  TYR A CD1 1 
ATOM   104 C CD2 . TYR A 1 15 ? 1.177   10.218  -18.061 1.00 29.90  ? 15  TYR A CD2 1 
ATOM   105 C CE1 . TYR A 1 15 ? -0.526  12.368  -17.876 1.00 30.22  ? 15  TYR A CE1 1 
ATOM   106 C CE2 . TYR A 1 15 ? 0.665   10.809  -19.213 1.00 29.44  ? 15  TYR A CE2 1 
ATOM   107 C CZ  . TYR A 1 15 ? -0.178  11.864  -19.110 1.00 29.41  ? 15  TYR A CZ  1 
ATOM   108 O OH  . TYR A 1 15 ? -0.677  12.423  -20.265 1.00 37.58  ? 15  TYR A OH  1 
ATOM   109 N N   . ASN A 1 16 ? 1.137   6.909   -15.904 1.00 24.08  ? 16  ASN A N   1 
ATOM   110 C CA  . ASN A 1 16 ? 0.931   5.855   -16.899 1.00 24.47  ? 16  ASN A CA  1 
ATOM   111 C C   . ASN A 1 16 ? -0.065  4.822   -16.446 1.00 25.19  ? 16  ASN A C   1 
ATOM   112 O O   . ASN A 1 16 ? -0.752  4.203   -17.278 1.00 26.07  ? 16  ASN A O   1 
ATOM   113 C CB  . ASN A 1 16 ? 2.229   5.145   -17.257 1.00 25.38  ? 16  ASN A CB  1 
ATOM   114 C CG  . ASN A 1 16 ? 3.195   6.050   -17.942 1.00 28.71  ? 16  ASN A CG  1 
ATOM   115 O OD1 . ASN A 1 16 ? 4.399   5.852   -17.894 1.00 31.70  ? 16  ASN A OD1 1 
ATOM   116 N ND2 . ASN A 1 16 ? 2.674   7.062   -18.582 1.00 32.09  ? 16  ASN A ND2 1 
ATOM   117 N N   . ILE A 1 17 ? -0.084  4.570   -15.141 1.00 24.77  ? 17  ILE A N   1 
ATOM   118 C CA  . ILE A 1 17 ? -1.021  3.619   -14.553 1.00 24.29  ? 17  ILE A CA  1 
ATOM   119 C C   . ILE A 1 17 ? -2.415  4.122   -14.832 1.00 24.88  ? 17  ILE A C   1 
ATOM   120 O O   . ILE A 1 17 ? -3.263  3.389   -15.306 1.00 26.36  ? 17  ILE A O   1 
ATOM   121 C CB  . ILE A 1 17 ? -0.797  3.490   -13.026 1.00 25.16  ? 17  ILE A CB  1 
ATOM   122 C CG1 . ILE A 1 17 ? 0.594   2.785   -12.791 1.00 25.51  ? 17  ILE A CG1 1 
ATOM   123 C CG2 . ILE A 1 17 ? -1.996  2.806   -12.378 1.00 23.25  ? 17  ILE A CG2 1 
ATOM   124 C CD1 . ILE A 1 17 ? 1.079   2.648   -11.366 1.00 24.57  ? 17  ILE A CD1 1 
ATOM   125 N N   . ALA A 1 18 ? -2.622  5.394   -14.573 1.00 25.03  ? 18  ALA A N   1 
ATOM   126 C CA  . ALA A 1 18 ? -3.888  6.043   -14.823 1.00 27.76  ? 18  ALA A CA  1 
ATOM   127 C C   . ALA A 1 18 ? -4.304  5.984   -16.307 1.00 28.59  ? 18  ALA A C   1 
ATOM   128 O O   . ALA A 1 18 ? -5.413  5.610   -16.640 1.00 26.72  ? 18  ALA A O   1 
ATOM   129 C CB  . ALA A 1 18 ? -3.770  7.492   -14.378 1.00 28.96  ? 18  ALA A CB  1 
ATOM   130 N N   . GLN A 1 19 ? -3.413  6.379   -17.199 1.00 30.00  ? 19  GLN A N   1 
ATOM   131 C CA  . GLN A 1 19 ? -3.694  6.257   -18.635 1.00 35.02  ? 19  GLN A CA  1 
ATOM   132 C C   . GLN A 1 19 ? -4.096  4.841   -18.996 1.00 31.44  ? 19  GLN A C   1 
ATOM   133 O O   . GLN A 1 19 ? -5.092  4.663   -19.652 1.00 29.92  ? 19  GLN A O   1 
ATOM   134 C CB  . GLN A 1 19 ? -2.484  6.596   -19.472 1.00 38.73  ? 19  GLN A CB  1 
ATOM   135 C CG  . GLN A 1 19 ? -2.368  8.029   -19.857 1.00 47.90  ? 19  GLN A CG  1 
ATOM   136 C CD  . GLN A 1 19 ? -1.299  8.117   -20.902 1.00 61.50  ? 19  GLN A CD  1 
ATOM   137 O OE1 . GLN A 1 19 ? -0.309  7.348   -20.868 1.00 73.41  ? 19  GLN A OE1 1 
ATOM   138 N NE2 . GLN A 1 19 ? -1.487  9.002   -21.865 1.00 66.89  ? 19  GLN A NE2 1 
ATOM   139 N N   . THR A 1 20 ? -3.326  3.845   -18.557 1.00 26.62  ? 20  THR A N   1 
ATOM   140 C CA  . THR A 1 20 ? -3.728  2.470   -18.765 1.00 27.87  ? 20  THR A CA  1 
ATOM   141 C C   . THR A 1 20 ? -5.210  2.153   -18.422 1.00 28.22  ? 20  THR A C   1 
ATOM   142 O O   . THR A 1 20 ? -5.850  1.343   -19.122 1.00 29.43  ? 20  THR A O   1 
ATOM   143 C CB  . THR A 1 20 ? -2.787  1.527   -18.032 1.00 27.15  ? 20  THR A CB  1 
ATOM   144 O OG1 . THR A 1 20 ? -1.503  1.663   -18.644 1.00 29.69  ? 20  THR A OG1 1 
ATOM   145 C CG2 . THR A 1 20 ? -3.233  0.066   -18.175 1.00 27.79  ? 20  THR A CG2 1 
ATOM   146 N N   . TYR A 1 21 ? -5.762  2.790   -17.386 1.00 26.08  ? 21  TYR A N   1 
ATOM   147 C CA  . TYR A 1 21 ? -7.155  2.537   -17.023 1.00 27.32  ? 21  TYR A CA  1 
ATOM   148 C C   . TYR A 1 21 ? -8.166  3.582   -17.572 1.00 29.29  ? 21  TYR A C   1 
ATOM   149 O O   . TYR A 1 21 ? -9.364  3.484   -17.299 1.00 27.63  ? 21  TYR A O   1 
ATOM   150 C CB  . TYR A 1 21 ? -7.263  2.333   -15.504 1.00 26.45  ? 21  TYR A CB  1 
ATOM   151 C CG  . TYR A 1 21 ? -6.702  1.004   -15.110 1.00 25.65  ? 21  TYR A CG  1 
ATOM   152 C CD1 . TYR A 1 21 ? -5.312  0.808   -14.964 1.00 24.65  ? 21  TYR A CD1 1 
ATOM   153 C CD2 . TYR A 1 21 ? -7.537  -0.090  -14.982 1.00 24.90  ? 21  TYR A CD2 1 
ATOM   154 C CE1 . TYR A 1 21 ? -4.785  -0.450  -14.670 1.00 25.44  ? 21  TYR A CE1 1 
ATOM   155 C CE2 . TYR A 1 21 ? -7.022  -1.341  -14.683 1.00 26.73  ? 21  TYR A CE2 1 
ATOM   156 C CZ  . TYR A 1 21 ? -5.660  -1.524  -14.499 1.00 26.84  ? 21  TYR A CZ  1 
ATOM   157 O OH  . TYR A 1 21 ? -5.219  -2.795  -14.165 1.00 27.11  ? 21  TYR A OH  1 
ATOM   158 N N   . GLY A 1 22 ? -7.693  4.507   -18.408 1.00 30.62  ? 22  GLY A N   1 
ATOM   159 C CA  . GLY A 1 22 ? -8.546  5.534   -19.013 1.00 33.63  ? 22  GLY A CA  1 
ATOM   160 C C   . GLY A 1 22 ? -8.925  6.701   -18.093 1.00 35.37  ? 22  GLY A C   1 
ATOM   161 O O   . GLY A 1 22 ? -9.859  7.484   -18.396 1.00 41.45  ? 22  GLY A O   1 
ATOM   162 N N   . ILE A 1 23 ? -8.218  6.809   -16.970 1.00 32.26  ? 23  ILE A N   1 
ATOM   163 C CA  . ILE A 1 23 ? -8.428  7.864   -15.962 1.00 28.55  ? 23  ILE A CA  1 
ATOM   164 C C   . ILE A 1 23 ? -7.218  8.792   -15.873 1.00 29.05  ? 23  ILE A C   1 
ATOM   165 O O   . ILE A 1 23 ? -6.168  8.539   -16.469 1.00 27.87  ? 23  ILE A O   1 
ATOM   166 C CB  . ILE A 1 23 ? -8.689  7.304   -14.555 1.00 27.11  ? 23  ILE A CB  1 
ATOM   167 C CG1 . ILE A 1 23 ? -7.518  6.462   -14.044 1.00 25.07  ? 23  ILE A CG1 1 
ATOM   168 C CG2 . ILE A 1 23 ? -9.941  6.434   -14.546 1.00 29.16  ? 23  ILE A CG2 1 
ATOM   169 C CD1 . ILE A 1 23 ? -7.839  5.845   -12.692 1.00 24.32  ? 23  ILE A CD1 1 
ATOM   170 N N   . ASP A 1 24 ? -7.376  9.871   -15.119 1.00 27.49  ? 24  ASP A N   1 
ATOM   171 C CA  . ASP A 1 24 ? -6.274  10.763  -14.873 1.00 28.82  ? 24  ASP A CA  1 
ATOM   172 C C   . ASP A 1 24 ? -5.761  10.548  -13.444 1.00 29.43  ? 24  ASP A C   1 
ATOM   173 O O   . ASP A 1 24 ? -6.373  9.838   -12.620 1.00 28.18  ? 24  ASP A O   1 
ATOM   174 C CB  . ASP A 1 24 ? -6.666  12.226  -15.144 1.00 28.48  ? 24  ASP A CB  1 
ATOM   175 C CG  . ASP A 1 24 ? -7.844  12.716  -14.272 1.00 31.88  ? 24  ASP A CG  1 
ATOM   176 O OD1 . ASP A 1 24 ? -8.299  12.021  -13.322 1.00 32.34  ? 24  ASP A OD1 1 
ATOM   177 O OD2 . ASP A 1 24 ? -8.340  13.820  -14.573 1.00 32.57  ? 24  ASP A OD2 1 
ATOM   178 N N   . VAL A 1 25 ? -4.635  11.184  -13.153 1.00 28.30  ? 25  VAL A N   1 
ATOM   179 C CA  . VAL A 1 25 ? -3.994  10.965  -11.878 1.00 27.25  ? 25  VAL A CA  1 
ATOM   180 C C   . VAL A 1 25 ? -4.866  11.390  -10.736 1.00 27.24  ? 25  VAL A C   1 
ATOM   181 O O   . VAL A 1 25 ? -4.912  10.687  -9.735  1.00 29.51  ? 25  VAL A O   1 
ATOM   182 C CB  . VAL A 1 25 ? -2.626  11.618  -11.793 1.00 25.32  ? 25  VAL A CB  1 
ATOM   183 C CG1 . VAL A 1 25 ? -2.141  11.503  -10.357 1.00 26.21  ? 25  VAL A CG1 1 
ATOM   184 C CG2 . VAL A 1 25 ? -1.663  10.909  -12.775 1.00 24.25  ? 25  VAL A CG2 1 
ATOM   185 N N   . ALA A 1 26 ? -5.569  12.511  -10.866 1.00 27.05  ? 26  ALA A N   1 
ATOM   186 C CA  . ALA A 1 26 ? -6.472  12.942  -9.748  1.00 28.11  ? 26  ALA A CA  1 
ATOM   187 C C   . ALA A 1 26 ? -7.503  11.901  -9.435  1.00 26.96  ? 26  ALA A C   1 
ATOM   188 O O   . ALA A 1 26 ? -7.800  11.672  -8.285  1.00 28.75  ? 26  ALA A O   1 
ATOM   189 C CB  . ALA A 1 26 ? -7.192  14.253  -10.071 1.00 29.39  ? 26  ALA A CB  1 
ATOM   190 N N   . THR A 1 27 ? -8.074  11.279  -10.465 1.00 28.85  ? 27  THR A N   1 
ATOM   191 C CA  . THR A 1 27 ? -9.048  10.216  -10.234 1.00 28.38  ? 27  THR A CA  1 
ATOM   192 C C   . THR A 1 27 ? -8.381  9.053   -9.534  1.00 29.16  ? 27  THR A C   1 
ATOM   193 O O   . THR A 1 27 ? -8.882  8.566   -8.537  1.00 30.76  ? 27  THR A O   1 
ATOM   194 C CB  . THR A 1 27 ? -9.720  9.717   -11.519 1.00 27.95  ? 27  THR A CB  1 
ATOM   195 O OG1 . THR A 1 27 ? -10.327 10.818  -12.211 1.00 26.29  ? 27  THR A OG1 1 
ATOM   196 C CG2 . THR A 1 27 ? -10.806 8.701   -11.188 1.00 28.68  ? 27  THR A CG2 1 
ATOM   197 N N   . LEU A 1 28 ? -7.242  8.611   -10.047 1.00 29.93  ? 28  LEU A N   1 
ATOM   198 C CA  . LEU A 1 28 ? -6.478  7.579   -9.356  1.00 28.35  ? 28  LEU A CA  1 
ATOM   199 C C   . LEU A 1 28 ? -6.311  7.973   -7.888  1.00 32.60  ? 28  LEU A C   1 
ATOM   200 O O   . LEU A 1 28 ? -6.390  7.099   -7.008  1.00 36.39  ? 28  LEU A O   1 
ATOM   201 C CB  . LEU A 1 28 ? -5.067  7.434   -9.970  1.00 25.87  ? 28  LEU A CB  1 
ATOM   202 C CG  . LEU A 1 28 ? -4.231  6.250   -9.493  1.00 23.95  ? 28  LEU A CG  1 
ATOM   203 C CD1 . LEU A 1 28 ? -5.014  4.959   -9.742  1.00 24.14  ? 28  LEU A CD1 1 
ATOM   204 C CD2 . LEU A 1 28 ? -2.856  6.178   -10.159 1.00 23.42  ? 28  LEU A CD2 1 
ATOM   205 N N   . GLN A 1 29 ? -6.014  9.255   -7.623  1.00 29.90  ? 29  GLN A N   1 
ATOM   206 C CA  . GLN A 1 29 ? -5.808  9.713   -6.242  1.00 32.76  ? 29  GLN A CA  1 
ATOM   207 C C   . GLN A 1 29 ? -7.093  9.631   -5.472  1.00 32.82  ? 29  GLN A C   1 
ATOM   208 O O   . GLN A 1 29 ? -7.107  9.118   -4.368  1.00 33.19  ? 29  GLN A O   1 
ATOM   209 C CB  . GLN A 1 29 ? -5.258  11.128  -6.157  1.00 34.88  ? 29  GLN A CB  1 
ATOM   210 C CG  . GLN A 1 29 ? -3.739  11.168  -6.316  1.00 40.04  ? 29  GLN A CG  1 
ATOM   211 C CD  . GLN A 1 29 ? -3.191  12.559  -6.667  1.00 42.63  ? 29  GLN A CD  1 
ATOM   212 O OE1 . GLN A 1 29 ? -2.024  12.851  -6.423  1.00 39.67  ? 29  GLN A OE1 1 
ATOM   213 N NE2 . GLN A 1 29 ? -4.032  13.411  -7.258  1.00 45.27  ? 29  GLN A NE2 1 
ATOM   214 N N   . SER A 1 30 ? -8.182  10.096  -6.068  1.00 34.65  ? 30  SER A N   1 
ATOM   215 C CA  . SER A 1 30 ? -9.473  10.021  -5.415  1.00 35.10  ? 30  SER A CA  1 
ATOM   216 C C   . SER A 1 30 ? -9.825  8.551   -5.054  1.00 37.15  ? 30  SER A C   1 
ATOM   217 O O   . SER A 1 30 ? -10.523 8.269   -4.084  1.00 40.58  ? 30  SER A O   1 
ATOM   218 C CB  . SER A 1 30 ? -10.525 10.536  -6.343  1.00 34.87  ? 30  SER A CB  1 
ATOM   219 O OG  . SER A 1 30 ? -11.032 9.396   -7.024  1.00 40.79  ? 30  SER A OG  1 
ATOM   220 N N   . TYR A 1 31 ? -9.354  7.609   -5.849  1.00 37.20  ? 31  TYR A N   1 
ATOM   221 C CA  . TYR A 1 31 ? -9.641  6.196   -5.593  1.00 36.53  ? 31  TYR A CA  1 
ATOM   222 C C   . TYR A 1 31 ? -8.748  5.635   -4.520  1.00 36.29  ? 31  TYR A C   1 
ATOM   223 O O   . TYR A 1 31 ? -8.972  4.536   -4.058  1.00 36.10  ? 31  TYR A O   1 
ATOM   224 C CB  . TYR A 1 31 ? -9.397  5.347   -6.847  1.00 36.48  ? 31  TYR A CB  1 
ATOM   225 C CG  . TYR A 1 31 ? -10.382 5.469   -7.989  1.00 33.65  ? 31  TYR A CG  1 
ATOM   226 C CD1 . TYR A 1 31 ? -11.641 6.031   -7.822  1.00 36.26  ? 31  TYR A CD1 1 
ATOM   227 C CD2 . TYR A 1 31 ? -10.051 4.959   -9.228  1.00 32.73  ? 31  TYR A CD2 1 
ATOM   228 C CE1 . TYR A 1 31 ? -12.531 6.122   -8.892  1.00 39.77  ? 31  TYR A CE1 1 
ATOM   229 C CE2 . TYR A 1 31 ? -10.925 5.024   -10.291 1.00 38.38  ? 31  TYR A CE2 1 
ATOM   230 C CZ  . TYR A 1 31 ? -12.164 5.601   -10.120 1.00 39.07  ? 31  TYR A CZ  1 
ATOM   231 O OH  . TYR A 1 31 ? -13.006 5.651   -11.182 1.00 42.65  ? 31  TYR A OH  1 
ATOM   232 N N   . ASN A 1 32 ? -7.687  6.349   -4.175  1.00 37.12  ? 32  ASN A N   1 
ATOM   233 C CA  . ASN A 1 32 ? -6.692  5.830   -3.246  1.00 38.82  ? 32  ASN A CA  1 
ATOM   234 C C   . ASN A 1 32 ? -6.338  6.909   -2.198  1.00 41.96  ? 32  ASN A C   1 
ATOM   235 O O   . ASN A 1 32 ? -5.314  7.606   -2.338  1.00 41.20  ? 32  ASN A O   1 
ATOM   236 C CB  . ASN A 1 32 ? -5.428  5.357   -4.008  1.00 36.96  ? 32  ASN A CB  1 
ATOM   237 C CG  . ASN A 1 32 ? -5.704  4.207   -4.962  1.00 38.48  ? 32  ASN A CG  1 
ATOM   238 O OD1 . ASN A 1 32 ? -5.649  3.045   -4.555  1.00 37.48  ? 32  ASN A OD1 1 
ATOM   239 N ND2 . ASN A 1 32 ? -5.988  4.519   -6.251  1.00 38.74  ? 32  ASN A ND2 1 
ATOM   240 N N   . PRO A 1 33 ? -7.180  7.041   -1.145  1.00 48.01  ? 33  PRO A N   1 
ATOM   241 C CA  . PRO A 1 33 ? -6.954  8.064   -0.106  1.00 46.14  ? 33  PRO A CA  1 
ATOM   242 C C   . PRO A 1 33 ? -5.498  8.121   0.410   1.00 41.97  ? 33  PRO A C   1 
ATOM   243 O O   . PRO A 1 33 ? -4.976  7.146   0.961   1.00 42.89  ? 33  PRO A O   1 
ATOM   244 C CB  . PRO A 1 33 ? -7.923  7.624   1.009   1.00 47.90  ? 33  PRO A CB  1 
ATOM   245 C CG  . PRO A 1 33 ? -9.072  6.994   0.273   1.00 49.00  ? 33  PRO A CG  1 
ATOM   246 C CD  . PRO A 1 33 ? -8.403  6.242   -0.867  1.00 49.20  ? 33  PRO A CD  1 
ATOM   247 N N   . GLY A 1 34 ? -4.838  9.247   0.191   1.00 35.74  ? 34  GLY A N   1 
ATOM   248 C CA  . GLY A 1 34 ? -3.477  9.442   0.669   1.00 35.82  ? 34  GLY A CA  1 
ATOM   249 C C   . GLY A 1 34 ? -2.383  8.905   -0.236  1.00 35.91  ? 34  GLY A C   1 
ATOM   250 O O   . GLY A 1 34 ? -1.216  8.894   0.169   1.00 36.17  ? 34  GLY A O   1 
ATOM   251 N N   . LEU A 1 35 ? -2.728  8.460   -1.454  1.00 35.53  ? 35  LEU A N   1 
ATOM   252 C CA  . LEU A 1 35 ? -1.701  8.033   -2.452  1.00 32.89  ? 35  LEU A CA  1 
ATOM   253 C C   . LEU A 1 35 ? -0.561  9.024   -2.528  1.00 31.88  ? 35  LEU A C   1 
ATOM   254 O O   . LEU A 1 35 ? -0.795  10.221  -2.427  1.00 38.54  ? 35  LEU A O   1 
ATOM   255 C CB  . LEU A 1 35 ? -2.333  7.867   -3.837  1.00 31.18  ? 35  LEU A CB  1 
ATOM   256 C CG  . LEU A 1 35 ? -1.419  7.453   -4.983  1.00 28.79  ? 35  LEU A CG  1 
ATOM   257 C CD1 . LEU A 1 35 ? -0.662  6.186   -4.631  1.00 29.23  ? 35  LEU A CD1 1 
ATOM   258 C CD2 . LEU A 1 35 ? -2.196  7.249   -6.273  1.00 26.98  ? 35  LEU A CD2 1 
ATOM   259 N N   . GLN A 1 36 ? 0.671   8.534   -2.650  1.00 33.21  ? 36  GLN A N   1 
ATOM   260 C CA  . GLN A 1 36 ? 1.834   9.392   -2.835  1.00 32.58  ? 36  GLN A CA  1 
ATOM   261 C C   . GLN A 1 36 ? 2.584   8.956   -4.067  1.00 32.73  ? 36  GLN A C   1 
ATOM   262 O O   . GLN A 1 36 ? 3.437   7.999   -4.033  1.00 27.28  ? 36  GLN A O   1 
ATOM   263 C CB  . GLN A 1 36 ? 2.794   9.319   -1.652  1.00 36.10  ? 36  GLN A CB  1 
ATOM   264 C CG  . GLN A 1 36 ? 2.254   9.906   -0.339  1.00 38.71  ? 36  GLN A CG  1 
ATOM   265 C CD  . GLN A 1 36 ? 3.171   9.591   0.867   1.00 40.56  ? 36  GLN A CD  1 
ATOM   266 O OE1 . GLN A 1 36 ? 2.696   9.523   1.993   1.00 46.08  ? 36  GLN A OE1 1 
ATOM   267 N NE2 . GLN A 1 36 ? 4.464   9.376   0.624   1.00 38.17  ? 36  GLN A NE2 1 
ATOM   268 N N   . CYS A 1 37 ? 2.293   9.673   -5.152  1.00 28.45  ? 37  CYS A N   1 
ATOM   269 C CA  . CYS A 1 37 ? 2.828   9.271   -6.461  1.00 30.00  ? 37  CYS A CA  1 
ATOM   270 C C   . CYS A 1 37 ? 4.350   9.380   -6.513  1.00 30.84  ? 37  CYS A C   1 
ATOM   271 O O   . CYS A 1 37 ? 4.986   8.677   -7.297  1.00 31.54  ? 37  CYS A O   1 
ATOM   272 C CB  . CYS A 1 37 ? 2.131   10.068  -7.580  1.00 30.15  ? 37  CYS A CB  1 
ATOM   273 S SG  . CYS A 1 37 ? 0.383   9.572   -7.814  1.00 32.79  ? 37  CYS A SG  1 
ATOM   274 N N   . ASP A 1 38 ? 4.946   10.211  -5.647  1.00 35.41  ? 38  ASP A N   1 
ATOM   275 C CA  . ASP A 1 38 ? 6.430   10.322  -5.598  1.00 39.34  ? 38  ASP A CA  1 
ATOM   276 C C   . ASP A 1 38 ? 7.097   9.167   -4.914  1.00 40.31  ? 38  ASP A C   1 
ATOM   277 O O   . ASP A 1 38 ? 8.301   9.146   -4.837  1.00 46.75  ? 38  ASP A O   1 
ATOM   278 C CB  . ASP A 1 38 ? 6.928   11.624  -4.959  1.00 40.71  ? 38  ASP A CB  1 
ATOM   279 C CG  . ASP A 1 38 ? 6.296   11.949  -3.596  1.00 43.07  ? 38  ASP A CG  1 
ATOM   280 O OD1 . ASP A 1 38 ? 5.567   11.152  -2.975  1.00 45.63  ? 38  ASP A OD1 1 
ATOM   281 O OD2 . ASP A 1 38 ? 6.553   13.079  -3.127  1.00 49.03  ? 38  ASP A OD2 1 
ATOM   282 N N   . ASN A 1 39 ? 6.316   8.178   -4.497  1.00 41.73  ? 39  ASN A N   1 
ATOM   283 C CA  . ASN A 1 39 ? 6.740   7.232   -3.489  1.00 43.32  ? 39  ASN A CA  1 
ATOM   284 C C   . ASN A 1 39 ? 5.941   5.936   -3.546  1.00 41.32  ? 39  ASN A C   1 
ATOM   285 O O   . ASN A 1 39 ? 5.432   5.444   -2.531  1.00 37.58  ? 39  ASN A O   1 
ATOM   286 C CB  . ASN A 1 39 ? 6.546   7.884   -2.119  1.00 44.10  ? 39  ASN A CB  1 
ATOM   287 C CG  . ASN A 1 39 ? 7.133   7.057   -0.985  1.00 43.52  ? 39  ASN A CG  1 
ATOM   288 O OD1 . ASN A 1 39 ? 6.605   7.092   0.130   1.00 46.38  ? 39  ASN A OD1 1 
ATOM   289 N ND2 . ASN A 1 39 ? 8.220   6.317   -1.258  1.00 38.10  ? 39  ASN A ND2 1 
ATOM   290 N N   . LEU A 1 40 ? 5.809   5.408   -4.753  1.00 36.50  ? 40  LEU A N   1 
ATOM   291 C CA  . LEU A 1 40 ? 5.097   4.182   -4.944  1.00 34.42  ? 40  LEU A CA  1 
ATOM   292 C C   . LEU A 1 40 ? 6.031   3.053   -4.575  1.00 36.74  ? 40  LEU A C   1 
ATOM   293 O O   . LEU A 1 40 ? 7.235   3.113   -4.853  1.00 35.45  ? 40  LEU A O   1 
ATOM   294 C CB  . LEU A 1 40 ? 4.723   4.031   -6.400  1.00 32.97  ? 40  LEU A CB  1 
ATOM   295 C CG  . LEU A 1 40 ? 3.752   5.034   -6.962  1.00 29.97  ? 40  LEU A CG  1 
ATOM   296 C CD1 . LEU A 1 40 ? 3.598   4.828   -8.453  1.00 31.05  ? 40  LEU A CD1 1 
ATOM   297 C CD2 . LEU A 1 40 ? 2.432   4.866   -6.261  1.00 30.75  ? 40  LEU A CD2 1 
ATOM   298 N N   . GLN A 1 41 ? 5.457   2.011   -3.987  1.00 38.66  ? 41  GLN A N   1 
ATOM   299 C CA  . GLN A 1 41 ? 6.198   0.799   -3.573  1.00 40.31  ? 41  GLN A CA  1 
ATOM   300 C C   . GLN A 1 41 ? 5.902   -0.382  -4.515  1.00 38.48  ? 41  GLN A C   1 
ATOM   301 O O   . GLN A 1 41 ? 4.747   -0.583  -4.956  1.00 35.83  ? 41  GLN A O   1 
ATOM   302 C CB  . GLN A 1 41 ? 5.723   0.394   -2.168  1.00 43.19  ? 41  GLN A CB  1 
ATOM   303 C CG  . GLN A 1 41 ? 5.525   1.541   -1.176  1.00 42.92  ? 41  GLN A CG  1 
ATOM   304 C CD  . GLN A 1 41 ? 6.822   2.238   -0.885  1.00 47.55  ? 41  GLN A CD  1 
ATOM   305 O OE1 . GLN A 1 41 ? 6.899   3.459   -0.885  1.00 55.72  ? 41  GLN A OE1 1 
ATOM   306 N NE2 . GLN A 1 41 ? 7.862   1.464   -0.679  1.00 45.37  ? 41  GLN A NE2 1 
ATOM   307 N N   . ILE A 1 42 ? 6.906   -1.192  -4.787  1.00 36.35  ? 42  ILE A N   1 
ATOM   308 C CA  . ILE A 1 42 ? 6.688   -2.408  -5.554  1.00 39.15  ? 42  ILE A CA  1 
ATOM   309 C C   . ILE A 1 42 ? 5.612   -3.281  -4.888  1.00 40.33  ? 42  ILE A C   1 
ATOM   310 O O   . ILE A 1 42 ? 5.605   -3.443  -3.673  1.00 45.75  ? 42  ILE A O   1 
ATOM   311 C CB  . ILE A 1 42 ? 8.014   -3.164  -5.748  1.00 45.56  ? 42  ILE A CB  1 
ATOM   312 C CG1 . ILE A 1 42 ? 8.808   -2.524  -6.901  1.00 49.69  ? 42  ILE A CG1 1 
ATOM   313 C CG2 . ILE A 1 42 ? 7.774   -4.613  -6.098  1.00 48.97  ? 42  ILE A CG2 1 
ATOM   314 C CD1 . ILE A 1 42 ? 10.296  -2.500  -6.658  1.00 53.45  ? 42  ILE A CD1 1 
ATOM   315 N N   . GLY A 1 43 ? 4.670   -3.807  -5.675  1.00 34.88  ? 43  GLY A N   1 
ATOM   316 C CA  . GLY A 1 43 ? 3.598   -4.636  -5.136  1.00 30.10  ? 43  GLY A CA  1 
ATOM   317 C C   . GLY A 1 43 ? 2.466   -3.848  -4.508  1.00 27.72  ? 43  GLY A C   1 
ATOM   318 O O   . GLY A 1 43 ? 1.418   -4.403  -4.112  1.00 28.38  ? 43  GLY A O   1 
ATOM   319 N N   . GLN A 1 44 ? 2.639   -2.546  -4.389  1.00 27.88  ? 44  GLN A N   1 
ATOM   320 C CA  . GLN A 1 44 ? 1.565   -1.706  -3.811  1.00 27.26  ? 44  GLN A CA  1 
ATOM   321 C C   . GLN A 1 44 ? 0.328   -1.885  -4.682  1.00 27.60  ? 44  GLN A C   1 
ATOM   322 O O   . GLN A 1 44 ? 0.426   -1.887  -5.885  1.00 30.02  ? 44  GLN A O   1 
ATOM   323 C CB  . GLN A 1 44 ? 2.043   -0.260  -3.813  1.00 28.71  ? 44  GLN A CB  1 
ATOM   324 C CG  . GLN A 1 44 ? 1.100   0.799   -3.217  1.00 31.31  ? 44  GLN A CG  1 
ATOM   325 C CD  . GLN A 1 44 ? 1.735   2.187   -3.261  1.00 29.76  ? 44  GLN A CD  1 
ATOM   326 O OE1 . GLN A 1 44 ? 2.860   2.339   -3.760  1.00 33.06  ? 44  GLN A OE1 1 
ATOM   327 N NE2 . GLN A 1 44 ? 1.021   3.200   -2.766  1.00 29.39  ? 44  GLN A NE2 1 
ATOM   328 N N   . GLN A 1 45 ? -0.832  -2.057  -4.099  1.00 29.42  ? 45  GLN A N   1 
ATOM   329 C CA  . GLN A 1 45 ? -2.042  -2.326  -4.868  1.00 28.38  ? 45  GLN A CA  1 
ATOM   330 C C   . GLN A 1 45 ? -2.833  -1.096  -4.896  1.00 31.88  ? 45  GLN A C   1 
ATOM   331 O O   . GLN A 1 45 ? -3.063  -0.496  -3.860  1.00 33.08  ? 45  GLN A O   1 
ATOM   332 C CB  . GLN A 1 45 ? -2.876  -3.411  -4.198  1.00 27.24  ? 45  GLN A CB  1 
ATOM   333 C CG  . GLN A 1 45 ? -2.085  -4.717  -4.135  1.00 28.17  ? 45  GLN A CG  1 
ATOM   334 C CD  . GLN A 1 45 ? -2.846  -5.830  -3.505  1.00 28.10  ? 45  GLN A CD  1 
ATOM   335 O OE1 . GLN A 1 45 ? -4.009  -5.666  -3.104  1.00 31.00  ? 45  GLN A OE1 1 
ATOM   336 N NE2 . GLN A 1 45 ? -2.190  -6.985  -3.397  1.00 28.55  ? 45  GLN A NE2 1 
ATOM   337 N N   . LEU A 1 46 ? -3.256  -0.706  -6.090  1.00 31.85  ? 46  LEU A N   1 
ATOM   338 C CA  . LEU A 1 46 ? -3.876  0.567   -6.269  1.00 29.72  ? 46  LEU A CA  1 
ATOM   339 C C   . LEU A 1 46 ? -5.247  0.301   -6.833  1.00 29.62  ? 46  LEU A C   1 
ATOM   340 O O   . LEU A 1 46 ? -5.386  -0.422  -7.811  1.00 29.29  ? 46  LEU A O   1 
ATOM   341 C CB  . LEU A 1 46 ? -3.053  1.386   -7.239  1.00 30.23  ? 46  LEU A CB  1 
ATOM   342 C CG  . LEU A 1 46 ? -2.092  2.491   -6.785  1.00 33.05  ? 46  LEU A CG  1 
ATOM   343 C CD1 . LEU A 1 46 ? -1.606  2.421   -5.338  1.00 33.37  ? 46  LEU A CD1 1 
ATOM   344 C CD2 . LEU A 1 46 ? -0.931  2.540   -7.759  1.00 30.36  ? 46  LEU A CD2 1 
ATOM   345 N N   . CYS A 1 47 ? -6.247  0.877   -6.198  1.00 26.53  ? 47  CYS A N   1 
ATOM   346 C CA  . CYS A 1 47 ? -7.553  0.822   -6.714  1.00 32.58  ? 47  CYS A CA  1 
ATOM   347 C C   . CYS A 1 47 ? -7.617  1.593   -8.022  1.00 32.31  ? 47  CYS A C   1 
ATOM   348 O O   . CYS A 1 47 ? -7.138  2.715   -8.127  1.00 30.78  ? 47  CYS A O   1 
ATOM   349 C CB  . CYS A 1 47 ? -8.544  1.459   -5.741  1.00 36.94  ? 47  CYS A CB  1 
ATOM   350 S SG  . CYS A 1 47 ? -10.244 1.031   -6.177  1.00 44.16  ? 47  CYS A SG  1 
ATOM   351 N N   . VAL A 1 48 ? -8.271  0.984   -8.992  1.00 31.58  ? 48  VAL A N   1 
ATOM   352 C CA  . VAL A 1 48 ? -8.473  1.596   -10.271 1.00 31.98  ? 48  VAL A CA  1 
ATOM   353 C C   . VAL A 1 48 ? -9.939  1.575   -10.658 1.00 32.93  ? 48  VAL A C   1 
ATOM   354 O O   . VAL A 1 48 ? -10.237 1.916   -11.786 1.00 33.15  ? 48  VAL A O   1 
ATOM   355 C CB  . VAL A 1 48 ? -7.629  0.910   -11.365 1.00 33.61  ? 48  VAL A CB  1 
ATOM   356 C CG1 . VAL A 1 48 ? -6.143  1.150   -11.134 1.00 35.18  ? 48  VAL A CG1 1 
ATOM   357 C CG2 . VAL A 1 48 ? -7.907  -0.587  -11.415 1.00 35.44  ? 48  VAL A CG2 1 
ATOM   358 N N   . ALA A 1 49 ? -10.843 1.258   -9.724  1.00 34.60  ? 49  ALA A N   1 
ATOM   359 C CA  . ALA A 1 49 ? -12.276 1.208   -9.997  1.00 38.89  ? 49  ALA A CA  1 
ATOM   360 C C   . ALA A 1 49 ? -13.158 1.683   -8.817  1.00 46.38  ? 49  ALA A C   1 
ATOM   361 O O   . ALA A 1 49 ? -13.073 1.091   -7.744  1.00 52.23  ? 49  ALA A O   1 
ATOM   362 C CB  . ALA A 1 49 ? -12.658 -0.213  -10.397 1.00 40.58  ? 49  ALA A CB  1 
ATOM   363 N N   . ASP A 1 50 ? -13.950 2.765   -9.038  1.00 58.40  ? 50  ASP A N   1 
ATOM   364 C CA  . ASP A 1 50 ? -15.157 3.198   -8.254  1.00 61.28  ? 50  ASP A CA  1 
ATOM   365 C C   . ASP A 1 50 ? -15.470 4.677   -8.357  1.00 61.16  ? 50  ASP A C   1 
ATOM   366 O O   . ASP A 1 50 ? -15.480 5.374   -7.337  1.00 61.99  ? 50  ASP A O   1 
ATOM   367 C CB  . ASP A 1 50 ? -15.115 2.808   -6.769  1.00 65.70  ? 50  ASP A CB  1 
ATOM   368 C CG  . ASP A 1 50 ? -15.860 1.490   -6.497  1.00 77.68  ? 50  ASP A CG  1 
ATOM   369 O OD1 . ASP A 1 50 ? -16.283 0.820   -7.484  1.00 68.39  ? 50  ASP A OD1 1 
ATOM   370 O OD2 . ASP A 1 50 ? -16.012 1.127   -5.298  1.00 82.60  ? 50  ASP A OD2 1 
ATOM   371 N N   . CYS B 1 2  ? 9.656   -14.336 5.104   1.00 53.69  ? 2   CYS B N   1 
ATOM   372 C CA  . CYS B 1 2  ? 8.214   -13.934 5.279   1.00 57.24  ? 2   CYS B CA  1 
ATOM   373 C C   . CYS B 1 2  ? 7.202   -15.017 4.867   1.00 54.26  ? 2   CYS B C   1 
ATOM   374 O O   . CYS B 1 2  ? 7.332   -15.608 3.786   1.00 52.63  ? 2   CYS B O   1 
ATOM   375 C CB  . CYS B 1 2  ? 7.895   -12.659 4.497   1.00 57.21  ? 2   CYS B CB  1 
ATOM   376 S SG  . CYS B 1 2  ? 6.249   -11.971 4.880   1.00 58.49  ? 2   CYS B SG  1 
ATOM   377 N N   . THR B 1 3  ? 6.190   -15.243 5.719   1.00 50.56  ? 3   THR B N   1 
ATOM   378 C CA  . THR B 1 3  ? 5.224   -16.376 5.553   1.00 47.34  ? 3   THR B CA  1 
ATOM   379 C C   . THR B 1 3  ? 3.830   -15.885 5.150   1.00 42.76  ? 3   THR B C   1 
ATOM   380 O O   . THR B 1 3  ? 3.129   -16.563 4.390   1.00 40.56  ? 3   THR B O   1 
ATOM   381 C CB  . THR B 1 3  ? 5.150   -17.186 6.840   1.00 45.56  ? 3   THR B CB  1 
ATOM   382 N N   . SER B 1 4  ? 3.461   -14.692 5.635   1.00 39.81  ? 4   SER B N   1 
ATOM   383 C CA  . SER B 1 4  ? 2.135   -14.105 5.435   1.00 39.14  ? 4   SER B CA  1 
ATOM   384 C C   . SER B 1 4  ? 2.179   -12.580 5.270   1.00 39.00  ? 4   SER B C   1 
ATOM   385 O O   . SER B 1 4  ? 3.022   -11.917 5.878   1.00 41.58  ? 4   SER B O   1 
ATOM   386 C CB  . SER B 1 4  ? 1.224   -14.449 6.634   1.00 36.23  ? 4   SER B CB  1 
ATOM   387 O OG  . SER B 1 4  ? -0.168  -14.208 6.368   1.00 31.87  ? 4   SER B OG  1 
ATOM   388 N N   . TYR B 1 5  ? 1.226   -12.033 4.501   1.00 38.49  ? 5   TYR B N   1 
ATOM   389 C CA  . TYR B 1 5  ? 1.210   -10.600 4.128   1.00 38.35  ? 5   TYR B CA  1 
ATOM   390 C C   . TYR B 1 5  ? -0.086  -9.867  4.405   1.00 33.83  ? 5   TYR B C   1 
ATOM   391 O O   . TYR B 1 5  ? -1.127  -10.459 4.589   1.00 32.53  ? 5   TYR B O   1 
ATOM   392 C CB  . TYR B 1 5  ? 1.533   -10.425 2.647   1.00 42.66  ? 5   TYR B CB  1 
ATOM   393 C CG  . TYR B 1 5  ? 2.945   -10.830 2.334   1.00 48.68  ? 5   TYR B CG  1 
ATOM   394 C CD1 . TYR B 1 5  ? 3.283   -12.175 2.190   1.00 55.07  ? 5   TYR B CD1 1 
ATOM   395 C CD2 . TYR B 1 5  ? 3.949   -9.876  2.188   1.00 53.01  ? 5   TYR B CD2 1 
ATOM   396 C CE1 . TYR B 1 5  ? 4.580   -12.560 1.903   1.00 61.74  ? 5   TYR B CE1 1 
ATOM   397 C CE2 . TYR B 1 5  ? 5.255   -10.248 1.908   1.00 57.12  ? 5   TYR B CE2 1 
ATOM   398 C CZ  . TYR B 1 5  ? 5.564   -11.590 1.767   1.00 64.80  ? 5   TYR B CZ  1 
ATOM   399 O OH  . TYR B 1 5  ? 6.858   -11.971 1.484   1.00 80.45  ? 5   TYR B OH  1 
ATOM   400 N N   . TYR B 1 6  ? 0.002   -8.546  4.442   1.00 33.33  ? 6   TYR B N   1 
ATOM   401 C CA  . TYR B 1 6  ? -1.171  -7.693  4.688   1.00 33.46  ? 6   TYR B CA  1 
ATOM   402 C C   . TYR B 1 6  ? -1.089  -6.407  3.837   1.00 33.11  ? 6   TYR B C   1 
ATOM   403 O O   . TYR B 1 6  ? 0.002   -5.831  3.637   1.00 34.02  ? 6   TYR B O   1 
ATOM   404 C CB  . TYR B 1 6  ? -1.273  -7.309  6.168   1.00 32.09  ? 6   TYR B CB  1 
ATOM   405 C CG  . TYR B 1 6  ? -2.349  -6.284  6.439   1.00 30.01  ? 6   TYR B CG  1 
ATOM   406 C CD1 . TYR B 1 6  ? -3.701  -6.663  6.548   1.00 28.44  ? 6   TYR B CD1 1 
ATOM   407 C CD2 . TYR B 1 6  ? -2.033  -4.923  6.562   1.00 28.55  ? 6   TYR B CD2 1 
ATOM   408 C CE1 . TYR B 1 6  ? -4.705  -5.711  6.789   1.00 27.25  ? 6   TYR B CE1 1 
ATOM   409 C CE2 . TYR B 1 6  ? -3.032  -3.978  6.809   1.00 25.55  ? 6   TYR B CE2 1 
ATOM   410 C CZ  . TYR B 1 6  ? -4.343  -4.368  6.913   1.00 26.46  ? 6   TYR B CZ  1 
ATOM   411 O OH  . TYR B 1 6  ? -5.326  -3.421  7.159   1.00 32.59  ? 6   TYR B OH  1 
ATOM   412 N N   . THR B 1 7  ? -2.259  -5.954  3.409   1.00 30.49  ? 7   THR B N   1 
ATOM   413 C CA  . THR B 1 7  ? -2.379  -4.873  2.481   1.00 31.31  ? 7   THR B CA  1 
ATOM   414 C C   . THR B 1 7  ? -2.980  -3.672  3.202   1.00 29.61  ? 7   THR B C   1 
ATOM   415 O O   . THR B 1 7  ? -4.131  -3.712  3.620   1.00 29.06  ? 7   THR B O   1 
ATOM   416 C CB  . THR B 1 7  ? -3.269  -5.287  1.289   1.00 30.79  ? 7   THR B CB  1 
ATOM   417 O OG1 . THR B 1 7  ? -2.554  -6.233  0.482   1.00 34.32  ? 7   THR B OG1 1 
ATOM   418 C CG2 . THR B 1 7  ? -3.633  -4.070  0.428   1.00 31.17  ? 7   THR B CG2 1 
ATOM   419 N N   . VAL B 1 8  ? -2.192  -2.613  3.307   1.00 28.93  ? 8   VAL B N   1 
ATOM   420 C CA  . VAL B 1 8  ? -2.595  -1.401  4.021   1.00 32.08  ? 8   VAL B CA  1 
ATOM   421 C C   . VAL B 1 8  ? -3.828  -0.803  3.357   1.00 35.01  ? 8   VAL B C   1 
ATOM   422 O O   . VAL B 1 8  ? -3.886  -0.742  2.127   1.00 42.61  ? 8   VAL B O   1 
ATOM   423 C CB  . VAL B 1 8  ? -1.454  -0.353  3.996   1.00 32.24  ? 8   VAL B CB  1 
ATOM   424 C CG1 . VAL B 1 8  ? -1.875  0.946   4.672   1.00 35.60  ? 8   VAL B CG1 1 
ATOM   425 C CG2 . VAL B 1 8  ? -0.167  -0.916  4.574   1.00 29.81  ? 8   VAL B CG2 1 
ATOM   426 N N   . LYS B 1 9  ? -4.807  -0.405  4.169   1.00 39.92  ? 9   LYS B N   1 
ATOM   427 C CA  . LYS B 1 9  ? -6.031  0.271   3.756   1.00 45.14  ? 9   LYS B CA  1 
ATOM   428 C C   . LYS B 1 9  ? -6.012  1.714   4.322   1.00 50.79  ? 9   LYS B C   1 
ATOM   429 O O   . LYS B 1 9  ? -5.117  2.040   5.095   1.00 52.35  ? 9   LYS B O   1 
ATOM   430 C CB  . LYS B 1 9  ? -7.233  -0.474  4.338   1.00 54.98  ? 9   LYS B CB  1 
ATOM   431 C CG  . LYS B 1 9  ? -7.392  -1.946  3.941   1.00 63.63  ? 9   LYS B CG  1 
ATOM   432 C CD  . LYS B 1 9  ? -8.262  -2.675  4.974   1.00 76.95  ? 9   LYS B CD  1 
ATOM   433 C CE  . LYS B 1 9  ? -8.942  -3.940  4.455   1.00 84.34  ? 9   LYS B CE  1 
ATOM   434 N NZ  . LYS B 1 9  ? -10.369 -3.670  4.103   1.00 88.67  ? 9   LYS B NZ  1 
ATOM   435 N N   . SER B 1 10 ? -6.987  2.562   3.956   1.00 54.43  ? 10  SER B N   1 
ATOM   436 C CA  . SER B 1 10 ? -7.101  3.944   4.483   1.00 56.63  ? 10  SER B CA  1 
ATOM   437 C C   . SER B 1 10 ? -7.003  3.994   6.017   1.00 58.62  ? 10  SER B C   1 
ATOM   438 O O   . SER B 1 10 ? -7.818  3.371   6.699   1.00 58.29  ? 10  SER B O   1 
ATOM   439 C CB  . SER B 1 10 ? -8.454  4.565   4.108   1.00 59.44  ? 10  SER B CB  1 
ATOM   440 O OG  . SER B 1 10 ? -8.662  4.625   2.722   1.00 58.99  ? 10  SER B OG  1 
ATOM   441 N N   . GLY B 1 11 ? -6.023  4.725   6.555   1.00 57.05  ? 11  GLY B N   1 
ATOM   442 C CA  . GLY B 1 11 ? -5.974  4.991   8.002   1.00 58.31  ? 11  GLY B CA  1 
ATOM   443 C C   . GLY B 1 11 ? -5.237  3.997   8.901   1.00 61.04  ? 11  GLY B C   1 
ATOM   444 O O   . GLY B 1 11 ? -4.961  4.272   10.072  1.00 58.93  ? 11  GLY B O   1 
ATOM   445 N N   . ASP B 1 12 ? -4.911  2.827   8.385   1.00 58.15  ? 12  ASP B N   1 
ATOM   446 C CA  . ASP B 1 12 ? -4.220  1.848   9.203   1.00 57.44  ? 12  ASP B CA  1 
ATOM   447 C C   . ASP B 1 12 ? -2.963  2.467   9.851   1.00 63.00  ? 12  ASP B C   1 
ATOM   448 O O   . ASP B 1 12 ? -2.128  3.092   9.157   1.00 57.14  ? 12  ASP B O   1 
ATOM   449 C CB  . ASP B 1 12 ? -3.799  0.623   8.368   1.00 53.94  ? 12  ASP B CB  1 
ATOM   450 C CG  . ASP B 1 12 ? -4.974  -0.205  7.850   1.00 50.74  ? 12  ASP B CG  1 
ATOM   451 O OD1 . ASP B 1 12 ? -6.153  0.026   8.219   1.00 46.64  ? 12  ASP B OD1 1 
ATOM   452 O OD2 . ASP B 1 12 ? -4.684  -1.124  7.061   1.00 43.71  ? 12  ASP B OD2 1 
ATOM   453 N N   . ILE B 1 13 ? -2.822  2.278   11.170  1.00 65.97  ? 13  ILE B N   1 
ATOM   454 C CA  . ILE B 1 13 ? -1.548  2.595   11.830  1.00 67.95  ? 13  ILE B CA  1 
ATOM   455 C C   . ILE B 1 13 ? -0.861  1.314   12.247  1.00 61.78  ? 13  ILE B C   1 
ATOM   456 O O   . ILE B 1 13 ? -1.525  0.341   12.614  1.00 61.22  ? 13  ILE B O   1 
ATOM   457 C CB  . ILE B 1 13 ? -1.700  3.590   13.009  1.00 71.15  ? 13  ILE B CB  1 
ATOM   458 C CG1 . ILE B 1 13 ? -2.607  3.022   14.122  1.00 67.43  ? 13  ILE B CG1 1 
ATOM   459 C CG2 . ILE B 1 13 ? -2.142  4.955   12.462  1.00 72.92  ? 13  ILE B CG2 1 
ATOM   460 C CD1 . ILE B 1 13 ? -3.780  3.902   14.526  1.00 65.30  ? 13  ILE B CD1 1 
ATOM   461 N N   . CYS B 1 14 ? 0.465   1.315   12.171  1.00 54.71  ? 14  CYS B N   1 
ATOM   462 C CA  . CYS B 1 14 ? 1.248   0.165   12.574  1.00 60.68  ? 14  CYS B CA  1 
ATOM   463 C C   . CYS B 1 14 ? 0.795   -0.594  13.854  1.00 65.30  ? 14  CYS B C   1 
ATOM   464 O O   . CYS B 1 14 ? 1.132   -1.770  13.999  1.00 65.96  ? 14  CYS B O   1 
ATOM   465 C CB  . CYS B 1 14 ? 2.682   0.593   12.768  1.00 64.95  ? 14  CYS B CB  1 
ATOM   466 S SG  . CYS B 1 14 ? 3.730   0.501   11.305  1.00 70.63  ? 14  CYS B SG  1 
ATOM   467 N N   . TYR B 1 15 ? 0.063   0.057   14.768  1.00 65.21  ? 15  TYR B N   1 
ATOM   468 C CA  . TYR B 1 15 ? -0.336  -0.558  16.059  1.00 71.39  ? 15  TYR B CA  1 
ATOM   469 C C   . TYR B 1 15 ? -1.518  -1.484  15.923  1.00 64.37  ? 15  TYR B C   1 
ATOM   470 O O   . TYR B 1 15 ? -1.447  -2.644  16.353  1.00 63.67  ? 15  TYR B O   1 
ATOM   471 C CB  . TYR B 1 15 ? -0.658  0.500   17.126  1.00 73.95  ? 15  TYR B CB  1 
ATOM   472 N N   . ASN B 1 16 ? -2.601  -0.960  15.356  1.00 52.93  ? 16  ASN B N   1 
ATOM   473 C CA  . ASN B 1 16 ? -3.744  -1.798  14.991  1.00 56.13  ? 16  ASN B CA  1 
ATOM   474 C C   . ASN B 1 16 ? -3.383  -2.992  14.100  1.00 54.10  ? 16  ASN B C   1 
ATOM   475 O O   . ASN B 1 16 ? -3.961  -4.065  14.230  1.00 60.20  ? 16  ASN B O   1 
ATOM   476 C CB  . ASN B 1 16 ? -4.793  -0.975  14.284  1.00 57.43  ? 16  ASN B CB  1 
ATOM   477 C CG  . ASN B 1 16 ? -5.423  0.021   15.201  1.00 66.28  ? 16  ASN B CG  1 
ATOM   478 O OD1 . ASN B 1 16 ? -6.565  0.454   15.004  1.00 75.18  ? 16  ASN B OD1 1 
ATOM   479 N ND2 . ASN B 1 16 ? -4.689  0.382   16.241  1.00 68.17  ? 16  ASN B ND2 1 
ATOM   480 N N   . ILE B 1 17 ? -2.432  -2.795  13.197  1.00 51.39  ? 17  ILE B N   1 
ATOM   481 C CA  . ILE B 1 17 ? -2.046  -3.837  12.254  1.00 54.47  ? 17  ILE B CA  1 
ATOM   482 C C   . ILE B 1 17 ? -1.394  -4.986  13.031  1.00 55.73  ? 17  ILE B C   1 
ATOM   483 O O   . ILE B 1 17 ? -1.883  -6.130  12.966  1.00 54.51  ? 17  ILE B O   1 
ATOM   484 C CB  . ILE B 1 17 ? -1.113  -3.286  11.115  1.00 52.78  ? 17  ILE B CB  1 
ATOM   485 C CG1 . ILE B 1 17 ? -1.871  -2.279  10.223  1.00 49.81  ? 17  ILE B CG1 1 
ATOM   486 C CG2 . ILE B 1 17 ? -0.525  -4.391  10.238  1.00 46.83  ? 17  ILE B CG2 1 
ATOM   487 C CD1 . ILE B 1 17 ? -1.005  -1.754  9.101   1.00 51.34  ? 17  ILE B CD1 1 
ATOM   488 N N   . ALA B 1 18 ? -0.312  -4.689  13.753  1.00 54.48  ? 18  ALA B N   1 
ATOM   489 C CA  . ALA B 1 18 ? 0.411   -5.719  14.552  1.00 55.35  ? 18  ALA B CA  1 
ATOM   490 C C   . ALA B 1 18 ? -0.507  -6.381  15.599  1.00 54.43  ? 18  ALA B C   1 
ATOM   491 O O   . ALA B 1 18 ? -0.412  -7.596  15.816  1.00 54.85  ? 18  ALA B O   1 
ATOM   492 C CB  . ALA B 1 18 ? 1.649   -5.130  15.221  1.00 57.00  ? 18  ALA B CB  1 
ATOM   493 N N   . GLN B 1 19 ? -1.406  -5.591  16.201  1.00 45.60  ? 19  GLN B N   1 
ATOM   494 C CA  . GLN B 1 19 ? -2.386  -6.120  17.118  1.00 49.14  ? 19  GLN B CA  1 
ATOM   495 C C   . GLN B 1 19 ? -3.261  -7.174  16.456  1.00 50.10  ? 19  GLN B C   1 
ATOM   496 O O   . GLN B 1 19 ? -3.288  -8.333  16.902  1.00 50.26  ? 19  GLN B O   1 
ATOM   497 C CB  . GLN B 1 19 ? -3.271  -5.014  17.654  1.00 50.43  ? 19  GLN B CB  1 
ATOM   498 C CG  . GLN B 1 19 ? -4.449  -5.550  18.436  1.00 57.67  ? 19  GLN B CG  1 
ATOM   499 C CD  . GLN B 1 19 ? -4.698  -4.729  19.680  1.00 62.32  ? 19  GLN B CD  1 
ATOM   500 O OE1 . GLN B 1 19 ? -5.642  -3.969  19.732  1.00 61.89  ? 19  GLN B OE1 1 
ATOM   501 N NE2 . GLN B 1 19 ? -3.825  -4.857  20.674  1.00 63.60  ? 19  GLN B NE2 1 
ATOM   502 N N   . THR B 1 20 ? -3.966  -6.744  15.399  1.00 50.65  ? 20  THR B N   1 
ATOM   503 C CA  . THR B 1 20 ? -4.852  -7.582  14.609  1.00 42.31  ? 20  THR B CA  1 
ATOM   504 C C   . THR B 1 20 ? -4.197  -8.942  14.312  1.00 37.88  ? 20  THR B C   1 
ATOM   505 O O   . THR B 1 20 ? -4.854  -9.969  14.459  1.00 40.96  ? 20  THR B O   1 
ATOM   506 C CB  . THR B 1 20 ? -5.316  -6.857  13.319  1.00 40.03  ? 20  THR B CB  1 
ATOM   507 O OG1 . THR B 1 20 ? -6.340  -5.916  13.646  1.00 41.68  ? 20  THR B OG1 1 
ATOM   508 C CG2 . THR B 1 20 ? -5.961  -7.834  12.314  1.00 40.55  ? 20  THR B CG2 1 
ATOM   509 N N   . TYR B 1 21 ? -2.916  -8.935  13.958  1.00 32.84  ? 21  TYR B N   1 
ATOM   510 C CA  . TYR B 1 21 ? -2.142  -10.147 13.660  1.00 37.52  ? 21  TYR B CA  1 
ATOM   511 C C   . TYR B 1 21 ? -1.417  -10.759 14.882  1.00 44.35  ? 21  TYR B C   1 
ATOM   512 O O   . TYR B 1 21 ? -0.576  -11.650 14.705  1.00 43.84  ? 21  TYR B O   1 
ATOM   513 C CB  . TYR B 1 21 ? -1.190  -9.916  12.439  1.00 36.79  ? 21  TYR B CB  1 
ATOM   514 C CG  . TYR B 1 21 ? -2.065  -9.782  11.234  1.00 38.58  ? 21  TYR B CG  1 
ATOM   515 C CD1 . TYR B 1 21 ? -2.531  -10.894 10.545  1.00 38.00  ? 21  TYR B CD1 1 
ATOM   516 C CD2 . TYR B 1 21 ? -2.583  -8.549  10.904  1.00 38.33  ? 21  TYR B CD2 1 
ATOM   517 C CE1 . TYR B 1 21 ? -3.421  -10.741 9.489   1.00 40.48  ? 21  TYR B CE1 1 
ATOM   518 C CE2 . TYR B 1 21 ? -3.472  -8.386  9.879   1.00 40.55  ? 21  TYR B CE2 1 
ATOM   519 C CZ  . TYR B 1 21 ? -3.887  -9.467  9.166   1.00 40.75  ? 21  TYR B CZ  1 
ATOM   520 O OH  . TYR B 1 21 ? -4.817  -9.201  8.203   1.00 39.67  ? 21  TYR B OH  1 
ATOM   521 N N   . GLY B 1 22 ? -1.793  -10.330 16.097  1.00 47.18  ? 22  GLY B N   1 
ATOM   522 C CA  . GLY B 1 22 ? -1.226  -10.849 17.350  1.00 58.61  ? 22  GLY B CA  1 
ATOM   523 C C   . GLY B 1 22 ? -0.119  -9.967  17.926  1.00 67.18  ? 22  GLY B C   1 
ATOM   524 O O   . GLY B 1 22 ? -0.233  -9.411  19.077  1.00 56.76  ? 22  GLY B O   1 
ATOM   525 N N   . ILE B 1 23 ? 0.907   -9.819  17.071  1.00 56.85  ? 23  ILE B N   1 
ATOM   526 C CA  . ILE B 1 23 ? 2.223   -9.248  17.370  1.00 52.72  ? 23  ILE B CA  1 
ATOM   527 C C   . ILE B 1 23 ? 2.408   -7.783  17.885  1.00 56.06  ? 23  ILE B C   1 
ATOM   528 O O   . ILE B 1 23 ? 1.453   -7.019  18.116  1.00 55.76  ? 23  ILE B O   1 
ATOM   529 C CB  . ILE B 1 23 ? 3.174   -9.465  16.148  1.00 55.75  ? 23  ILE B CB  1 
ATOM   530 C CG1 . ILE B 1 23 ? 2.673   -8.703  14.886  1.00 57.86  ? 23  ILE B CG1 1 
ATOM   531 C CG2 . ILE B 1 23 ? 3.386   -10.953 15.893  1.00 55.14  ? 23  ILE B CG2 1 
ATOM   532 C CD1 . ILE B 1 23 ? 3.658   -8.704  13.729  1.00 55.85  ? 23  ILE B CD1 1 
ATOM   533 N N   . ASP B 1 24 ? 3.696   -7.468  18.115  1.00 64.27  ? 24  ASP B N   1 
ATOM   534 C CA  . ASP B 1 24 ? 4.217   -6.201  18.616  1.00 72.31  ? 24  ASP B CA  1 
ATOM   535 C C   . ASP B 1 24 ? 4.763   -5.394  17.423  1.00 70.05  ? 24  ASP B C   1 
ATOM   536 O O   . ASP B 1 24 ? 5.281   -5.968  16.459  1.00 69.33  ? 24  ASP B O   1 
ATOM   537 C CB  . ASP B 1 24 ? 5.369   -6.510  19.601  1.00 78.00  ? 24  ASP B CB  1 
ATOM   538 C CG  . ASP B 1 24 ? 5.659   -5.365  20.581  1.00 92.84  ? 24  ASP B CG  1 
ATOM   539 O OD1 . ASP B 1 24 ? 5.649   -4.187  20.155  1.00 98.05  ? 24  ASP B OD1 1 
ATOM   540 O OD2 . ASP B 1 24 ? 5.932   -5.650  21.777  1.00 92.06  ? 24  ASP B OD2 1 
ATOM   541 N N   . VAL B 1 25 ? 4.686   -4.068  17.501  1.00 67.53  ? 25  VAL B N   1 
ATOM   542 C CA  . VAL B 1 25 ? 5.272   -3.220  16.455  1.00 64.01  ? 25  VAL B CA  1 
ATOM   543 C C   . VAL B 1 25 ? 6.767   -3.542  16.212  1.00 67.01  ? 25  VAL B C   1 
ATOM   544 O O   . VAL B 1 25 ? 7.187   -3.712  15.076  1.00 74.18  ? 25  VAL B O   1 
ATOM   545 C CB  . VAL B 1 25 ? 5.130   -1.730  16.749  1.00 53.86  ? 25  VAL B CB  1 
ATOM   546 C CG1 . VAL B 1 25 ? 5.806   -0.944  15.639  1.00 60.10  ? 25  VAL B CG1 1 
ATOM   547 C CG2 . VAL B 1 25 ? 3.671   -1.313  16.875  1.00 51.53  ? 25  VAL B CG2 1 
ATOM   548 N N   . ALA B 1 26 ? 7.555   -3.642  17.272  1.00 70.17  ? 26  ALA B N   1 
ATOM   549 C CA  . ALA B 1 26 ? 8.968   -4.047  17.164  1.00 75.82  ? 26  ALA B CA  1 
ATOM   550 C C   . ALA B 1 26 ? 9.157   -5.286  16.261  1.00 76.23  ? 26  ALA B C   1 
ATOM   551 O O   . ALA B 1 26 ? 10.117  -5.394  15.467  1.00 66.36  ? 26  ALA B O   1 
ATOM   552 C CB  . ALA B 1 26 ? 9.522   -4.324  18.562  1.00 75.41  ? 26  ALA B CB  1 
ATOM   553 N N   . THR B 1 27 ? 8.221   -6.220  16.423  1.00 77.81  ? 27  THR B N   1 
ATOM   554 C CA  . THR B 1 27 ? 8.182   -7.479  15.677  1.00 69.29  ? 27  THR B CA  1 
ATOM   555 C C   . THR B 1 27 ? 7.758   -7.211  14.223  1.00 70.01  ? 27  THR B C   1 
ATOM   556 O O   . THR B 1 27 ? 8.329   -7.782  13.282  1.00 62.25  ? 27  THR B O   1 
ATOM   557 C CB  . THR B 1 27 ? 7.191   -8.461  16.353  1.00 67.54  ? 27  THR B CB  1 
ATOM   558 O OG1 . THR B 1 27 ? 7.025   -8.103  17.742  1.00 60.44  ? 27  THR B OG1 1 
ATOM   559 C CG2 . THR B 1 27 ? 7.655   -9.938  16.201  1.00 67.20  ? 27  THR B CG2 1 
ATOM   560 N N   . LEU B 1 28 ? 6.757   -6.335  14.049  1.00 68.44  ? 28  LEU B N   1 
ATOM   561 C CA  . LEU B 1 28 ? 6.322   -5.900  12.715  1.00 62.83  ? 28  LEU B CA  1 
ATOM   562 C C   . LEU B 1 28 ? 7.496   -5.262  11.968  1.00 65.12  ? 28  LEU B C   1 
ATOM   563 O O   . LEU B 1 28 ? 7.843   -5.677  10.844  1.00 61.40  ? 28  LEU B O   1 
ATOM   564 C CB  . LEU B 1 28 ? 5.138   -4.925  12.810  1.00 57.63  ? 28  LEU B CB  1 
ATOM   565 C CG  . LEU B 1 28 ? 4.466   -4.457  11.509  1.00 54.03  ? 28  LEU B CG  1 
ATOM   566 C CD1 . LEU B 1 28 ? 4.039   -5.616  10.615  1.00 54.42  ? 28  LEU B CD1 1 
ATOM   567 C CD2 . LEU B 1 28 ? 3.264   -3.583  11.818  1.00 49.88  ? 28  LEU B CD2 1 
ATOM   568 N N   . GLN B 1 29 ? 8.152   -4.303  12.618  1.00 63.44  ? 29  GLN B N   1 
ATOM   569 C CA  . GLN B 1 29 ? 9.253   -3.607  11.985  1.00 63.08  ? 29  GLN B CA  1 
ATOM   570 C C   . GLN B 1 29 ? 10.422  -4.530  11.687  1.00 65.73  ? 29  GLN B C   1 
ATOM   571 O O   . GLN B 1 29 ? 11.155  -4.276  10.736  1.00 65.29  ? 29  GLN B O   1 
ATOM   572 C CB  . GLN B 1 29 ? 9.678   -2.410  12.806  1.00 69.19  ? 29  GLN B CB  1 
ATOM   573 C CG  . GLN B 1 29 ? 8.576   -1.371  12.859  1.00 76.37  ? 29  GLN B CG  1 
ATOM   574 C CD  . GLN B 1 29 ? 9.048   -0.070  13.442  1.00 84.06  ? 29  GLN B CD  1 
ATOM   575 O OE1 . GLN B 1 29 ? 9.134   0.956   12.744  1.00 94.37  ? 29  GLN B OE1 1 
ATOM   576 N NE2 . GLN B 1 29 ? 9.373   -0.097  14.727  1.00 79.03  ? 29  GLN B NE2 1 
ATOM   577 N N   . SER B 1 30 ? 10.577  -5.624  12.436  1.00 62.76  ? 30  SER B N   1 
ATOM   578 C CA  . SER B 1 30 ? 11.628  -6.596  12.106  1.00 65.15  ? 30  SER B CA  1 
ATOM   579 C C   . SER B 1 30 ? 11.256  -7.481  10.899  1.00 66.45  ? 30  SER B C   1 
ATOM   580 O O   . SER B 1 30 ? 12.118  -8.129  10.300  1.00 60.11  ? 30  SER B O   1 
ATOM   581 C CB  . SER B 1 30 ? 12.039  -7.445  13.337  1.00 68.46  ? 30  SER B CB  1 
ATOM   582 O OG  . SER B 1 30 ? 11.461  -8.755  13.346  1.00 65.46  ? 30  SER B OG  1 
ATOM   583 N N   . TYR B 1 31 ? 9.982   -7.532  10.534  1.00 71.63  ? 31  TYR B N   1 
ATOM   584 C CA  . TYR B 1 31 ? 9.590   -8.316  9.356   1.00 72.79  ? 31  TYR B CA  1 
ATOM   585 C C   . TYR B 1 31 ? 9.639   -7.442  8.101   1.00 70.95  ? 31  TYR B C   1 
ATOM   586 O O   . TYR B 1 31 ? 9.607   -7.967  6.980   1.00 66.64  ? 31  TYR B O   1 
ATOM   587 C CB  . TYR B 1 31 ? 8.192   -8.915  9.546   1.00 77.26  ? 31  TYR B CB  1 
ATOM   588 C CG  . TYR B 1 31 ? 8.062   -9.944  10.670  1.00 79.80  ? 31  TYR B CG  1 
ATOM   589 C CD1 . TYR B 1 31 ? 9.080   -10.884 10.921  1.00 83.21  ? 31  TYR B CD1 1 
ATOM   590 C CD2 . TYR B 1 31 ? 6.902   -10.006 11.458  1.00 75.97  ? 31  TYR B CD2 1 
ATOM   591 C CE1 . TYR B 1 31 ? 8.950   -11.829 11.928  1.00 80.86  ? 31  TYR B CE1 1 
ATOM   592 C CE2 . TYR B 1 31 ? 6.773   -10.949 12.466  1.00 78.15  ? 31  TYR B CE2 1 
ATOM   593 C CZ  . TYR B 1 31 ? 7.797   -11.854 12.690  1.00 79.59  ? 31  TYR B CZ  1 
ATOM   594 O OH  . TYR B 1 31 ? 7.682   -12.791 13.671  1.00 81.03  ? 31  TYR B OH  1 
ATOM   595 N N   . ASN B 1 32 ? 9.732   -6.120  8.320   1.00 69.33  ? 32  ASN B N   1 
ATOM   596 C CA  . ASN B 1 32 ? 9.735   -5.074  7.274   1.00 66.67  ? 32  ASN B CA  1 
ATOM   597 C C   . ASN B 1 32 ? 10.883  -4.036  7.339   1.00 64.55  ? 32  ASN B C   1 
ATOM   598 O O   . ASN B 1 32 ? 10.668  -2.874  7.733   1.00 66.28  ? 32  ASN B O   1 
ATOM   599 C CB  . ASN B 1 32 ? 8.407   -4.335  7.356   1.00 59.80  ? 32  ASN B CB  1 
ATOM   600 C CG  . ASN B 1 32 ? 7.248   -5.245  7.079   1.00 61.37  ? 32  ASN B CG  1 
ATOM   601 O OD1 . ASN B 1 32 ? 7.183   -5.859  6.008   1.00 56.71  ? 32  ASN B OD1 1 
ATOM   602 N ND2 . ASN B 1 32 ? 6.332   -5.357  8.035   1.00 62.64  ? 32  ASN B ND2 1 
ATOM   603 N N   . PRO B 1 33 ? 12.093  -4.439  6.931   1.00 67.71  ? 33  PRO B N   1 
ATOM   604 C CA  . PRO B 1 33 ? 13.236  -3.507  6.928   1.00 75.56  ? 33  PRO B CA  1 
ATOM   605 C C   . PRO B 1 33 ? 12.956  -2.108  6.309   1.00 76.48  ? 33  PRO B C   1 
ATOM   606 O O   . PRO B 1 33 ? 12.885  -1.972  5.087   1.00 79.15  ? 33  PRO B O   1 
ATOM   607 C CB  . PRO B 1 33 ? 14.310  -4.284  6.139   1.00 73.70  ? 33  PRO B CB  1 
ATOM   608 C CG  . PRO B 1 33 ? 14.005  -5.732  6.432   1.00 74.08  ? 33  PRO B CG  1 
ATOM   609 C CD  . PRO B 1 33 ? 12.496  -5.809  6.539   1.00 71.99  ? 33  PRO B CD  1 
ATOM   610 N N   . GLY B 1 34 ? 12.792  -1.100  7.173   1.00 74.02  ? 34  GLY B N   1 
ATOM   611 C CA  . GLY B 1 34 ? 12.549  0.295   6.776   1.00 72.88  ? 34  GLY B CA  1 
ATOM   612 C C   . GLY B 1 34 ? 11.058  0.491   6.718   1.00 77.32  ? 34  GLY B C   1 
ATOM   613 O O   . GLY B 1 34 ? 10.419  -0.108  5.863   1.00 93.51  ? 34  GLY B O   1 
ATOM   614 N N   . LEU B 1 35 ? 10.486  1.302   7.611   1.00 68.27  ? 35  LEU B N   1 
ATOM   615 C CA  . LEU B 1 35 ? 9.029   1.305   7.785   1.00 68.80  ? 35  LEU B CA  1 
ATOM   616 C C   . LEU B 1 35 ? 8.474   2.521   8.574   1.00 66.26  ? 35  LEU B C   1 
ATOM   617 O O   . LEU B 1 35 ? 8.476   2.531   9.803   1.00 67.62  ? 35  LEU B O   1 
ATOM   618 C CB  . LEU B 1 35 ? 8.611   -0.030  8.456   1.00 72.08  ? 35  LEU B CB  1 
ATOM   619 C CG  . LEU B 1 35 ? 7.119   -0.277  8.744   1.00 75.39  ? 35  LEU B CG  1 
ATOM   620 C CD1 . LEU B 1 35 ? 6.245   -0.009  7.521   1.00 75.08  ? 35  LEU B CD1 1 
ATOM   621 C CD2 . LEU B 1 35 ? 6.884   -1.690  9.250   1.00 75.25  ? 35  LEU B CD2 1 
ATOM   622 N N   . GLN B 1 36 ? 7.975   3.528   7.865   1.00 66.26  ? 36  GLN B N   1 
ATOM   623 C CA  . GLN B 1 36 ? 7.628   4.800   8.509   1.00 74.72  ? 36  GLN B CA  1 
ATOM   624 C C   . GLN B 1 36 ? 6.153   4.717   8.839   1.00 70.12  ? 36  GLN B C   1 
ATOM   625 O O   . GLN B 1 36 ? 5.316   4.865   7.962   1.00 66.14  ? 36  GLN B O   1 
ATOM   626 C CB  . GLN B 1 36 ? 7.972   6.018   7.621   1.00 72.40  ? 36  GLN B CB  1 
ATOM   627 N N   . CYS B 1 37 ? 5.860   4.463   10.113  1.00 65.07  ? 37  CYS B N   1 
ATOM   628 C CA  . CYS B 1 37 ? 4.538   4.014   10.572  1.00 66.70  ? 37  CYS B CA  1 
ATOM   629 C C   . CYS B 1 37 ? 3.438   5.092   10.631  1.00 75.48  ? 37  CYS B C   1 
ATOM   630 O O   . CYS B 1 37 ? 2.257   4.780   10.899  1.00 79.85  ? 37  CYS B O   1 
ATOM   631 C CB  . CYS B 1 37 ? 4.683   3.304   11.938  1.00 70.26  ? 37  CYS B CB  1 
ATOM   632 S SG  . CYS B 1 37 ? 5.384   1.618   11.848  1.00 73.58  ? 37  CYS B SG  1 
ATOM   633 N N   . ASP B 1 38 ? 3.843   6.354   10.435  1.00 86.60  ? 38  ASP B N   1 
ATOM   634 C CA  . ASP B 1 38 ? 2.930   7.445   10.011  1.00 83.94  ? 38  ASP B CA  1 
ATOM   635 C C   . ASP B 1 38 ? 2.679   7.258   8.518   1.00 85.18  ? 38  ASP B C   1 
ATOM   636 O O   . ASP B 1 38 ? 1.530   7.005   8.105   1.00 79.25  ? 38  ASP B O   1 
ATOM   637 C CB  . ASP B 1 38 ? 3.495   8.866   10.306  1.00 76.21  ? 38  ASP B CB  1 
ATOM   638 C CG  . ASP B 1 38 ? 5.020   9.066   9.920   1.00 74.70  ? 38  ASP B CG  1 
ATOM   639 O OD1 . ASP B 1 38 ? 5.815   8.104   9.627   1.00 60.13  ? 38  ASP B OD1 1 
ATOM   640 O OD2 . ASP B 1 38 ? 5.412   10.264  9.943   1.00 66.15  ? 38  ASP B OD2 1 
ATOM   641 N N   . ASN B 1 39 ? 3.816   7.261   7.785   1.00 78.18  ? 39  ASN B N   1 
ATOM   642 C CA  . ASN B 1 39 ? 3.971   7.181   6.307   1.00 67.47  ? 39  ASN B CA  1 
ATOM   643 C C   . ASN B 1 39 ? 3.755   5.808   5.623   1.00 59.24  ? 39  ASN B C   1 
ATOM   644 O O   . ASN B 1 39 ? 4.614   5.281   4.883   1.00 46.27  ? 39  ASN B O   1 
ATOM   645 C CB  . ASN B 1 39 ? 5.399   7.641   5.948   1.00 61.64  ? 39  ASN B CB  1 
ATOM   646 C CG  . ASN B 1 39 ? 5.500   8.143   4.527   1.00 50.51  ? 39  ASN B CG  1 
ATOM   647 O OD1 . ASN B 1 39 ? 6.489   7.920   3.841   1.00 45.45  ? 39  ASN B OD1 1 
ATOM   648 N ND2 . ASN B 1 39 ? 4.461   8.817   4.086   1.00 43.89  ? 39  ASN B ND2 1 
ATOM   649 N N   . LEU B 1 40 ? 2.593   5.233   5.862   1.00 57.58  ? 40  LEU B N   1 
ATOM   650 C CA  . LEU B 1 40 ? 2.312   3.919   5.322   1.00 53.31  ? 40  LEU B CA  1 
ATOM   651 C C   . LEU B 1 40 ? 1.650   4.179   3.991   1.00 52.19  ? 40  LEU B C   1 
ATOM   652 O O   . LEU B 1 40 ? 0.699   4.963   3.901   1.00 51.52  ? 40  LEU B O   1 
ATOM   653 C CB  . LEU B 1 40 ? 1.398   3.114   6.262   1.00 44.59  ? 40  LEU B CB  1 
ATOM   654 C CG  . LEU B 1 40 ? 2.072   2.496   7.511   1.00 41.05  ? 40  LEU B CG  1 
ATOM   655 C CD1 . LEU B 1 40 ? 0.991   1.995   8.447   1.00 39.79  ? 40  LEU B CD1 1 
ATOM   656 C CD2 . LEU B 1 40 ? 3.099   1.405   7.210   1.00 38.94  ? 40  LEU B CD2 1 
ATOM   657 N N   . GLN B 1 41 ? 2.156   3.546   2.953   1.00 47.29  ? 41  GLN B N   1 
ATOM   658 C CA  . GLN B 1 41 ? 1.538   3.735   1.658   1.00 48.39  ? 41  GLN B CA  1 
ATOM   659 C C   . GLN B 1 41 ? 0.243   2.929   1.567   1.00 43.79  ? 41  GLN B C   1 
ATOM   660 O O   . GLN B 1 41 ? 0.190   1.745   1.924   1.00 42.35  ? 41  GLN B O   1 
ATOM   661 C CB  . GLN B 1 41 ? 2.527   3.383   0.533   1.00 51.08  ? 41  GLN B CB  1 
ATOM   662 C CG  . GLN B 1 41 ? 3.729   4.336   0.406   1.00 53.07  ? 41  GLN B CG  1 
ATOM   663 C CD  . GLN B 1 41 ? 3.353   5.804   0.622   1.00 57.14  ? 41  GLN B CD  1 
ATOM   664 O OE1 . GLN B 1 41 ? 2.352   6.323   0.074   1.00 52.37  ? 41  GLN B OE1 1 
ATOM   665 N NE2 . GLN B 1 41 ? 4.125   6.463   1.477   1.00 56.65  ? 41  GLN B NE2 1 
ATOM   666 N N   . ILE B 1 42 ? -0.812  3.586   1.114   1.00 40.45  ? 42  ILE B N   1 
ATOM   667 C CA  . ILE B 1 42 ? -2.028  2.882   0.789   1.00 40.58  ? 42  ILE B CA  1 
ATOM   668 C C   . ILE B 1 42 ? -1.776  1.763   -0.246  1.00 40.44  ? 42  ILE B C   1 
ATOM   669 O O   . ILE B 1 42 ? -1.150  2.004   -1.302  1.00 38.13  ? 42  ILE B O   1 
ATOM   670 C CB  . ILE B 1 42 ? -3.120  3.812   0.273   1.00 41.79  ? 42  ILE B CB  1 
ATOM   671 C CG1 . ILE B 1 42 ? -4.363  2.970   0.001   1.00 41.70  ? 42  ILE B CG1 1 
ATOM   672 C CG2 . ILE B 1 42 ? -2.665  4.572   -0.980  1.00 42.25  ? 42  ILE B CG2 1 
ATOM   673 C CD1 . ILE B 1 42 ? -5.642  3.727   0.240   1.00 45.82  ? 42  ILE B CD1 1 
ATOM   674 N N   . GLY B 1 43 ? -2.238  0.552   0.101   1.00 37.49  ? 43  GLY B N   1 
ATOM   675 C CA  . GLY B 1 43 ? -2.001  -0.676  -0.668  1.00 33.53  ? 43  GLY B CA  1 
ATOM   676 C C   . GLY B 1 43 ? -0.644  -1.337  -0.511  1.00 32.08  ? 43  GLY B C   1 
ATOM   677 O O   . GLY B 1 43 ? -0.369  -2.343  -1.171  1.00 31.00  ? 43  GLY B O   1 
ATOM   678 N N   . GLN B 1 44 ? 0.217   -0.777  0.329   1.00 33.09  ? 44  GLN B N   1 
ATOM   679 C CA  . GLN B 1 44 ? 1.537   -1.369  0.619   1.00 34.39  ? 44  GLN B CA  1 
ATOM   680 C C   . GLN B 1 44 ? 1.377   -2.781  1.176   1.00 32.65  ? 44  GLN B C   1 
ATOM   681 O O   . GLN B 1 44 ? 0.441   -3.093  1.940   1.00 31.01  ? 44  GLN B O   1 
ATOM   682 C CB  . GLN B 1 44 ? 2.302   -0.501  1.662   1.00 38.50  ? 44  GLN B CB  1 
ATOM   683 C CG  . GLN B 1 44 ? 3.789   -0.855  1.792   1.00 42.74  ? 44  GLN B CG  1 
ATOM   684 C CD  . GLN B 1 44 ? 4.575   0.069   2.731   1.00 44.13  ? 44  GLN B CD  1 
ATOM   685 O OE1 . GLN B 1 44 ? 4.095   1.128   3.168   1.00 43.30  ? 44  GLN B OE1 1 
ATOM   686 N NE2 . GLN B 1 44 ? 5.803   -0.345  3.047   1.00 41.83  ? 44  GLN B NE2 1 
ATOM   687 N N   . GLN B 1 45 ? 2.303   -3.628  0.782   1.00 35.60  ? 45  GLN B N   1 
ATOM   688 C CA  . GLN B 1 45 ? 2.392   -4.988  1.274   1.00 38.35  ? 45  GLN B CA  1 
ATOM   689 C C   . GLN B 1 45 ? 3.275   -5.073  2.513   1.00 41.35  ? 45  GLN B C   1 
ATOM   690 O O   . GLN B 1 45 ? 4.516   -4.985  2.381   1.00 41.44  ? 45  GLN B O   1 
ATOM   691 C CB  . GLN B 1 45 ? 3.024   -5.883  0.191   1.00 40.68  ? 45  GLN B CB  1 
ATOM   692 C CG  . GLN B 1 45 ? 2.249   -5.888  -1.118  1.00 40.79  ? 45  GLN B CG  1 
ATOM   693 C CD  . GLN B 1 45 ? 0.828   -6.350  -0.933  1.00 38.48  ? 45  GLN B CD  1 
ATOM   694 O OE1 . GLN B 1 45 ? 0.564   -7.539  -0.924  1.00 39.69  ? 45  GLN B OE1 1 
ATOM   695 N NE2 . GLN B 1 45 ? -0.097  -5.412  -0.808  1.00 39.14  ? 45  GLN B NE2 1 
ATOM   696 N N   . LEU B 1 46 ? 2.644   -5.278  3.685   1.00 39.28  ? 46  LEU B N   1 
ATOM   697 C CA  . LEU B 1 46 ? 3.365   -5.561  4.948   1.00 39.81  ? 46  LEU B CA  1 
ATOM   698 C C   . LEU B 1 46 ? 3.490   -7.055  5.177   1.00 39.51  ? 46  LEU B C   1 
ATOM   699 O O   . LEU B 1 46 ? 2.546   -7.797  4.950   1.00 42.09  ? 46  LEU B O   1 
ATOM   700 C CB  . LEU B 1 46 ? 2.639   -4.937  6.140   1.00 36.26  ? 46  LEU B CB  1 
ATOM   701 C CG  . LEU B 1 46 ? 2.491   -3.427  6.020   1.00 37.47  ? 46  LEU B CG  1 
ATOM   702 C CD1 . LEU B 1 46 ? 1.681   -2.872  7.176   1.00 36.87  ? 46  LEU B CD1 1 
ATOM   703 C CD2 . LEU B 1 46 ? 3.878   -2.794  5.899   1.00 37.37  ? 46  LEU B CD2 1 
ATOM   704 N N   . CYS B 1 47 ? 4.673   -7.490  5.578   1.00 40.03  ? 47  CYS B N   1 
ATOM   705 C CA  . CYS B 1 47 ? 4.877   -8.818  6.127   1.00 43.28  ? 47  CYS B CA  1 
ATOM   706 C C   . CYS B 1 47 ? 4.357   -8.870  7.569   1.00 45.00  ? 47  CYS B C   1 
ATOM   707 O O   . CYS B 1 47 ? 4.516   -7.911  8.335   1.00 42.97  ? 47  CYS B O   1 
ATOM   708 C CB  . CYS B 1 47 ? 6.338   -9.201  6.118   1.00 47.74  ? 47  CYS B CB  1 
ATOM   709 S SG  . CYS B 1 47 ? 6.609   -10.919 6.600   1.00 52.18  ? 47  CYS B SG  1 
ATOM   710 N N   . VAL B 1 48 ? 3.671   -9.973  7.892   1.00 45.20  ? 48  VAL B N   1 
ATOM   711 C CA  . VAL B 1 48 ? 3.112   -10.194 9.232   1.00 45.44  ? 48  VAL B CA  1 
ATOM   712 C C   . VAL B 1 48 ? 3.520   -11.594 9.833   1.00 44.04  ? 48  VAL B C   1 
ATOM   713 O O   . VAL B 1 48 ? 2.988   -12.001 10.857  1.00 40.67  ? 48  VAL B O   1 
ATOM   714 C CB  . VAL B 1 48 ? 1.564   -9.932  9.233   1.00 44.92  ? 48  VAL B CB  1 
ATOM   715 C CG1 . VAL B 1 48 ? 1.246   -8.466  8.955   1.00 43.76  ? 48  VAL B CG1 1 
ATOM   716 C CG2 . VAL B 1 48 ? 0.827   -10.803 8.221   1.00 43.76  ? 48  VAL B CG2 1 
ATOM   717 N N   . ALA B 1 49 ? 4.494   -12.292 9.237   1.00 47.43  ? 49  ALA B N   1 
ATOM   718 C CA  . ALA B 1 49 ? 4.910   -13.603 9.760   1.00 60.00  ? 49  ALA B CA  1 
ATOM   719 C C   . ALA B 1 49 ? 6.303   -14.078 9.317   1.00 68.51  ? 49  ALA B C   1 
ATOM   720 O O   . ALA B 1 49 ? 6.647   -14.014 8.123   1.00 65.77  ? 49  ALA B O   1 
ATOM   721 C CB  . ALA B 1 49 ? 3.877   -14.692 9.405   1.00 59.29  ? 49  ALA B CB  1 
ATOM   722 N N   . ASP B 1 50 ? 7.057   -14.573 10.313  1.00 78.17  ? 50  ASP B N   1 
ATOM   723 C CA  . ASP B 1 50 ? 8.255   -15.416 10.164  1.00 78.33  ? 50  ASP B CA  1 
ATOM   724 C C   . ASP B 1 50 ? 9.558   -14.657 10.317  1.00 79.01  ? 50  ASP B C   1 
ATOM   725 O O   . ASP B 1 50 ? 10.170  -14.703 11.382  1.00 78.35  ? 50  ASP B O   1 
ATOM   726 C CB  . ASP B 1 50 ? 8.261   -16.200 8.860   1.00 83.46  ? 50  ASP B CB  1 
ATOM   727 C CG  . ASP B 1 50 ? 9.058   -17.471 8.976   1.00 92.94  ? 50  ASP B CG  1 
ATOM   728 O OD1 . ASP B 1 50 ? 8.528   -18.432 9.581   1.00 100.40 ? 50  ASP B OD1 1 
ATOM   729 O OD2 . ASP B 1 50 ? 10.210  -17.504 8.489   1.00 89.88  ? 50  ASP B OD2 1 
HETATM 730 S S   . SO4 C 2 .  ? 1.766   0.997   -16.862 1.00 115.98 ? 101 SO4 A S   1 
HETATM 731 O O1  . SO4 C 2 .  ? 1.434   -0.448  -16.706 1.00 98.60  ? 101 SO4 A O1  1 
HETATM 732 O O2  . SO4 C 2 .  ? 2.384   1.318   -18.191 1.00 105.07 ? 101 SO4 A O2  1 
HETATM 733 O O3  . SO4 C 2 .  ? 2.707   1.464   -15.791 1.00 92.20  ? 101 SO4 A O3  1 
HETATM 734 O O4  . SO4 C 2 .  ? 0.451   1.669   -16.778 1.00 105.73 ? 101 SO4 A O4  1 
HETATM 735 O O   . HOH D 3 .  ? -6.730  -4.277  -12.901 1.00 34.91  ? 201 HOH A O   1 
HETATM 736 O O   . HOH D 3 .  ? -10.906 -6.171  -12.448 1.00 40.57  ? 202 HOH A O   1 
HETATM 737 O O   . HOH D 3 .  ? -16.023 -0.584  -2.495  1.00 45.11  ? 203 HOH A O   1 
HETATM 738 O O   . HOH D 3 .  ? -10.722 1.319   -16.650 1.00 25.03  ? 204 HOH A O   1 
HETATM 739 O O   . HOH D 3 .  ? 4.355   -2.818  -1.430  1.00 27.16  ? 205 HOH A O   1 
HETATM 740 O O   . HOH D 3 .  ? 0.259   11.510  -5.106  1.00 34.91  ? 206 HOH A O   1 
HETATM 741 O O   . HOH D 3 .  ? -5.215  0.174   -21.532 1.00 36.37  ? 207 HOH A O   1 
HETATM 742 O O   . HOH D 3 .  ? -11.786 8.919   -16.973 1.00 32.51  ? 208 HOH A O   1 
HETATM 743 O O   . HOH D 3 .  ? 6.939   6.630   -7.386  1.00 27.58  ? 209 HOH A O   1 
HETATM 744 O O   . HOH D 3 .  ? 4.490   -2.310  -15.444 1.00 39.67  ? 210 HOH A O   1 
HETATM 745 O O   . HOH D 3 .  ? -10.354 10.374  -15.029 1.00 34.57  ? 211 HOH A O   1 
HETATM 746 O O   . HOH D 3 .  ? -1.921  -5.501  -11.890 1.00 34.12  ? 212 HOH A O   1 
HETATM 747 O O   . HOH D 3 .  ? 4.928   3.563   -15.878 1.00 37.87  ? 213 HOH A O   1 
HETATM 748 O O   . HOH D 3 .  ? -5.006  14.704  -13.074 1.00 21.39  ? 214 HOH A O   1 
HETATM 749 O O   . HOH D 3 .  ? 10.310  -0.612  -3.661  1.00 47.95  ? 215 HOH A O   1 
HETATM 750 O O   . HOH E 3 .  ? 1.816   6.017   -2.446  1.00 29.61  ? 101 HOH B O   1 
HETATM 751 O O   . HOH E 3 .  ? -12.408 -2.556  5.669   1.00 54.50  ? 102 HOH B O   1 
HETATM 752 O O   . HOH E 3 .  ? 6.701   -2.247  0.111   1.00 32.55  ? 103 HOH B O   1 
# 
